data_1PH2
#
_entry.id   1PH2
#
_cell.length_a   93.650
_cell.length_b   93.650
_cell.length_c   423.038
_cell.angle_alpha   90.00
_cell.angle_beta   90.00
_cell.angle_gamma   120.00
#
_symmetry.space_group_name_H-M   'P 61 2 2'
#
loop_
_entity.id
_entity.type
_entity.pdbx_description
1 polymer "5'-D(*GP*GP*GP*GP*TP*TP*TP*TP*GP*GP*GP*GP*T)-3'"
2 polymer "5'-D(*GP*GP*GP*GP*TP*TP*TP*TP*G)-3'"
3 polymer 'Telomere-binding protein alpha subunit'
4 polymer 'Telomere-binding protein beta subunit'
5 non-polymer 'SODIUM ION'
6 non-polymer 'CHLORIDE ION'
7 water water
#
loop_
_entity_poly.entity_id
_entity_poly.type
_entity_poly.pdbx_seq_one_letter_code
_entity_poly.pdbx_strand_id
1 'polydeoxyribonucleotide' (DG)(DG)(DG)(DG)(DT)(DT)(DT)(DT)(DG)(DG)(DG)(DG)(DT) G,H
2 'polydeoxyribonucleotide' (DG)(DG)(DG)(DG)(DT)(DT)(DT)(DT)(DG) D
3 'polypeptide(L)'
;YEYVELAKASLTSAQPQHFYAVVIDATFPYKTNQERYICSLKIVDPTLYLKQQKGAGDASDYATLVLYAKRFEDLPIIHR
AGDIIRVHRATLRLYNGQRQFNANVFYSSSWALFSTDKRSVTQEINNQDAVSDTTPFSFSSKHATIEKNEISILQNLRKW
ANQYFSSYSVISSDMYTALNKAQAQKGDFDVVAKILQVHELDEYTNELKLKDASGQVFYTLSLKLKFPHVRTGEVVRIRS
ATYDETSTQKKVLILSHYSNIITFIQSSKLAKELRAKIQDDHSVEVASLKKNVSLNAVVLTEVDKKHAALPSTSLQDLFH
HADSDKELQAQDTFRTQFYVTKIEPSDVKEWVKGYDRKTKKSSSLKGASGKGDNIFQVQFLVKDASTQLNNNTYRVLLYT
QDGLGANFFNVKADNLHKNADARKKLEDSAELLTKFNSYVDAVVERRNGFYLIKDTKLI
;
A
4 'polypeptide(L)'
;QQQSAFKQLYTELFNNEGDFSKVSSNLKKPLKCYVKESYPHFLVTDGYFFVAPYFTKEAVNEFHAKFPNVNIVDLTDKVI
VINNWSLELRRVNSAEVFTSYANLEARLIVHSFKPNLQERLNPTRYPVNLFRDDEFKTTIQHFRHTALQAAINKTVKGDN
LVDISKVADAAGKKGKVDAGIVKASASKGDEFSDFSFKEGNTATLKIADIFVQEKG
;
B
#
# COMPACT_ATOMS: atom_id res chain seq x y z
N TYR D 1 3.28 17.38 40.48
CA TYR D 1 2.14 16.84 39.65
C TYR D 1 1.41 15.69 40.34
N GLU D 2 0.11 15.82 40.50
CA GLU D 2 -0.66 14.77 41.14
C GLU D 2 -1.40 14.00 40.07
N TYR D 3 -1.30 12.68 40.08
CA TYR D 3 -1.98 11.88 39.07
C TYR D 3 -3.21 11.16 39.61
N VAL D 4 -4.37 11.39 38.98
CA VAL D 4 -5.62 10.77 39.43
C VAL D 4 -6.03 9.67 38.47
N GLU D 5 -6.75 8.68 38.95
CA GLU D 5 -7.25 7.58 38.11
C GLU D 5 -8.47 8.03 37.31
N LEU D 6 -8.65 7.45 36.13
CA LEU D 6 -9.72 7.85 35.22
C LEU D 6 -11.10 7.97 35.84
N ALA D 7 -11.48 6.94 36.56
CA ALA D 7 -12.81 6.88 37.16
C ALA D 7 -12.98 7.78 38.35
N LYS D 8 -11.87 8.23 38.93
CA LYS D 8 -11.92 9.09 40.09
C LYS D 8 -11.77 10.58 39.76
N ALA D 9 -11.26 10.90 38.57
CA ALA D 9 -11.08 12.29 38.16
C ALA D 9 -12.38 13.04 38.38
N SER D 10 -12.28 14.29 38.81
CA SER D 10 -13.44 15.13 39.08
C SER D 10 -14.15 15.60 37.84
N LEU D 11 -15.47 15.62 37.90
CA LEU D 11 -16.30 16.05 36.78
C LEU D 11 -16.78 17.47 37.00
N THR D 12 -16.67 17.90 38.25
CA THR D 12 -17.12 19.24 38.59
C THR D 12 -16.03 20.29 38.61
N SER D 13 -14.94 19.99 39.32
CA SER D 13 -13.81 20.92 39.44
C SER D 13 -13.54 21.69 38.16
N ALA D 14 -13.56 21.02 37.02
CA ALA D 14 -13.29 21.66 35.73
C ALA D 14 -11.85 22.23 35.68
N GLN D 15 -11.03 21.81 36.65
CA GLN D 15 -9.64 22.21 36.76
C GLN D 15 -8.75 21.23 36.04
N PRO D 16 -7.59 21.72 35.58
CA PRO D 16 -6.69 20.82 34.86
C PRO D 16 -6.23 19.67 35.74
N GLN D 17 -6.39 18.45 35.26
CA GLN D 17 -5.96 17.27 35.98
C GLN D 17 -4.97 16.50 35.14
N HIS D 18 -4.23 15.61 35.79
CA HIS D 18 -3.20 14.84 35.10
C HIS D 18 -3.43 13.35 35.34
N PHE D 19 -2.94 12.50 34.44
CA PHE D 19 -3.16 11.07 34.61
C PHE D 19 -2.26 10.19 33.73
N TYR D 20 -2.19 8.91 34.09
CA TYR D 20 -1.42 7.91 33.34
C TYR D 20 -2.50 6.93 32.88
N ALA D 21 -2.49 6.50 31.62
CA ALA D 21 -3.51 5.56 31.12
C ALA D 21 -3.00 4.72 29.99
N VAL D 22 -3.76 3.69 29.65
CA VAL D 22 -3.40 2.82 28.54
C VAL D 22 -4.23 3.24 27.33
N VAL D 23 -3.64 3.18 26.15
CA VAL D 23 -4.39 3.54 24.95
C VAL D 23 -4.85 2.28 24.23
N ILE D 24 -6.16 2.13 24.11
CA ILE D 24 -6.70 0.97 23.41
C ILE D 24 -7.19 1.34 22.04
N ASP D 25 -7.33 2.62 21.75
CA ASP D 25 -7.75 2.99 20.41
C ASP D 25 -7.34 4.43 20.18
N ALA D 26 -7.11 4.82 18.92
CA ALA D 26 -6.70 6.19 18.61
C ALA D 26 -6.78 6.47 17.14
N THR D 27 -7.22 7.67 16.79
CA THR D 27 -7.32 8.05 15.38
C THR D 27 -5.96 8.62 14.99
N PHE D 28 -5.66 8.73 13.70
CA PHE D 28 -4.40 9.33 13.29
C PHE D 28 -4.60 10.84 13.41
N PRO D 29 -3.61 11.56 13.92
CA PRO D 29 -3.79 13.02 14.04
C PRO D 29 -4.24 13.56 12.70
N TYR D 30 -5.38 14.25 12.66
CA TYR D 30 -5.87 14.81 11.39
C TYR D 30 -6.19 16.30 11.45
N LYS D 31 -6.01 17.00 10.33
CA LYS D 31 -6.26 18.42 10.25
C LYS D 31 -7.74 18.61 10.08
N THR D 32 -8.32 19.59 10.78
CA THR D 32 -9.74 19.87 10.71
C THR D 32 -10.02 21.14 9.93
N ASN D 33 -9.21 22.16 10.20
CA ASN D 33 -9.31 23.42 9.51
C ASN D 33 -7.93 23.98 9.14
N GLN D 34 -7.90 25.26 8.79
CA GLN D 34 -6.65 25.91 8.40
C GLN D 34 -5.72 26.10 9.57
N GLU D 35 -6.20 25.77 10.77
CA GLU D 35 -5.35 25.94 11.94
C GLU D 35 -5.47 24.93 13.06
N ARG D 36 -6.33 23.93 12.90
CA ARG D 36 -6.48 22.93 13.95
C ARG D 36 -6.24 21.46 13.59
N TYR D 37 -5.55 20.76 14.47
CA TYR D 37 -5.28 19.34 14.28
C TYR D 37 -5.83 18.61 15.53
N ILE D 38 -6.51 17.50 15.30
CA ILE D 38 -7.08 16.72 16.37
C ILE D 38 -6.63 15.26 16.36
N CYS D 39 -6.75 14.64 17.52
CA CYS D 39 -6.42 13.23 17.65
C CYS D 39 -7.27 12.72 18.79
N SER D 40 -8.18 11.79 18.49
CA SER D 40 -9.05 11.18 19.49
C SER D 40 -8.57 9.78 19.86
N LEU D 41 -8.54 9.50 21.15
CA LEU D 41 -8.17 8.15 21.55
C LEU D 41 -8.94 7.62 22.76
N LYS D 42 -9.18 6.30 22.83
CA LYS D 42 -9.90 5.72 23.98
C LYS D 42 -8.85 5.23 24.99
N ILE D 43 -9.06 5.54 26.26
CA ILE D 43 -8.12 5.14 27.30
C ILE D 43 -8.78 4.38 28.42
N VAL D 44 -7.99 3.56 29.12
CA VAL D 44 -8.50 2.74 30.21
C VAL D 44 -7.43 2.63 31.29
N ASP D 45 -7.82 2.21 32.48
CA ASP D 45 -6.91 2.02 33.60
C ASP D 45 -7.62 1.18 34.67
N PRO D 46 -6.88 0.76 35.70
CA PRO D 46 -7.42 -0.06 36.79
C PRO D 46 -8.82 0.26 37.31
N THR D 47 -9.22 1.53 37.24
CA THR D 47 -10.53 1.94 37.71
C THR D 47 -11.60 2.00 36.63
N LEU D 48 -11.21 1.96 35.36
CA LEU D 48 -12.14 2.02 34.24
C LEU D 48 -11.59 1.21 33.09
N TYR D 49 -12.23 0.09 32.78
CA TYR D 49 -11.74 -0.77 31.70
C TYR D 49 -12.74 -1.81 31.20
N LEU D 50 -13.81 -1.99 31.97
CA LEU D 50 -14.80 -2.95 31.58
C LEU D 50 -16.19 -2.56 32.06
N LYS D 51 -17.19 -2.85 31.24
CA LYS D 51 -18.58 -2.53 31.56
C LYS D 51 -19.17 -3.56 32.53
N GLN D 52 -20.19 -3.14 33.28
CA GLN D 52 -20.86 -4.01 34.26
C GLN D 52 -21.13 -5.41 33.69
N GLN D 53 -20.14 -6.28 33.84
CA GLN D 53 -20.24 -7.64 33.34
C GLN D 53 -21.29 -8.54 33.99
N LYS D 54 -22.32 -8.85 33.21
CA LYS D 54 -23.44 -9.70 33.61
C LYS D 54 -24.28 -9.81 32.35
N GLY D 55 -24.62 -8.64 31.82
CA GLY D 55 -25.40 -8.53 30.60
C GLY D 55 -24.59 -7.68 29.64
N ALA D 56 -23.42 -7.23 30.10
CA ALA D 56 -22.51 -6.41 29.31
C ALA D 56 -21.87 -7.20 28.17
N GLY D 57 -21.62 -8.49 28.42
CA GLY D 57 -21.01 -9.34 27.42
C GLY D 57 -19.51 -9.14 27.34
N ASP D 58 -18.91 -8.80 28.48
CA ASP D 58 -17.46 -8.58 28.55
C ASP D 58 -17.05 -7.45 27.59
N ALA D 59 -17.85 -6.38 27.57
CA ALA D 59 -17.59 -5.23 26.72
C ALA D 59 -16.65 -4.31 27.46
N SER D 60 -15.61 -3.81 26.80
CA SER D 60 -14.61 -2.93 27.41
C SER D 60 -15.17 -1.54 27.67
N ASP D 61 -14.95 -1.02 28.89
CA ASP D 61 -15.42 0.31 29.27
C ASP D 61 -14.21 1.21 29.15
N TYR D 62 -14.40 2.48 28.82
CA TYR D 62 -13.26 3.35 28.62
C TYR D 62 -13.58 4.81 28.69
N ALA D 63 -12.54 5.63 28.71
CA ALA D 63 -12.71 7.07 28.70
C ALA D 63 -12.12 7.55 27.38
N THR D 64 -12.54 8.71 26.91
CA THR D 64 -11.98 9.21 25.65
C THR D 64 -11.13 10.47 25.89
N LEU D 65 -10.05 10.59 25.13
CA LEU D 65 -9.12 11.71 25.26
C LEU D 65 -9.08 12.40 23.91
N VAL D 66 -9.23 13.71 23.92
CA VAL D 66 -9.21 14.48 22.69
C VAL D 66 -8.15 15.57 22.83
N LEU D 67 -7.05 15.42 22.10
CA LEU D 67 -5.94 16.36 22.17
C LEU D 67 -6.11 17.34 21.03
N TYR D 68 -5.98 18.63 21.33
CA TYR D 68 -6.05 19.66 20.30
C TYR D 68 -4.68 20.35 20.13
N ALA D 69 -4.35 20.76 18.93
CA ALA D 69 -3.07 21.40 18.67
C ALA D 69 -3.13 22.23 17.43
N LYS D 70 -2.09 23.03 17.22
CA LYS D 70 -2.01 23.88 16.05
C LYS D 70 -1.12 23.26 14.98
N ARG D 71 -0.30 22.29 15.38
CA ARG D 71 0.61 21.63 14.44
C ARG D 71 0.50 20.11 14.53
N PHE D 72 0.54 19.44 13.38
CA PHE D 72 0.45 17.99 13.34
C PHE D 72 1.44 17.38 14.34
N GLU D 73 2.71 17.76 14.21
CA GLU D 73 3.78 17.25 15.05
C GLU D 73 3.57 17.34 16.53
N ASP D 74 2.60 18.14 16.96
CA ASP D 74 2.32 18.26 18.39
C ASP D 74 1.39 17.19 18.91
N LEU D 75 0.96 16.26 18.08
CA LEU D 75 0.04 15.25 18.58
C LEU D 75 0.71 13.91 18.48
N PRO D 76 0.28 12.94 19.31
CA PRO D 76 0.81 11.57 19.37
C PRO D 76 0.33 10.62 18.28
N ILE D 77 1.27 9.84 17.73
CA ILE D 77 0.92 8.90 16.68
C ILE D 77 0.96 7.54 17.35
N ILE D 78 -0.22 6.94 17.49
CA ILE D 78 -0.33 5.64 18.12
C ILE D 78 -0.32 4.50 17.09
N HIS D 79 0.77 3.74 17.03
CA HIS D 79 0.87 2.62 16.10
C HIS D 79 0.42 1.32 16.77
N ARG D 80 0.48 1.31 18.09
CA ARG D 80 0.15 0.09 18.82
C ARG D 80 -0.72 0.31 20.04
N ALA D 81 -1.66 -0.61 20.22
CA ALA D 81 -2.57 -0.56 21.36
C ALA D 81 -1.91 -1.23 22.55
N GLY D 82 -2.21 -0.75 23.74
CA GLY D 82 -1.59 -1.33 24.92
C GLY D 82 -0.54 -0.41 25.53
N ASP D 83 0.07 0.48 24.74
CA ASP D 83 1.08 1.41 25.25
C ASP D 83 0.41 2.39 26.20
N ILE D 84 1.23 3.10 26.98
CA ILE D 84 0.74 4.05 27.98
C ILE D 84 0.97 5.50 27.57
N ILE D 85 0.12 6.38 28.10
CA ILE D 85 0.22 7.80 27.82
C ILE D 85 0.07 8.59 29.13
N ARG D 86 0.84 9.66 29.26
CA ARG D 86 0.77 10.49 30.44
C ARG D 86 0.36 11.89 29.96
N VAL D 87 -0.71 12.42 30.52
CA VAL D 87 -1.21 13.73 30.14
C VAL D 87 -1.11 14.71 31.32
N HIS D 88 -0.81 15.97 31.01
CA HIS D 88 -0.71 17.03 32.00
C HIS D 88 -1.69 18.15 31.63
N ARG D 89 -2.41 18.60 32.64
CA ARG D 89 -3.39 19.69 32.52
C ARG D 89 -4.56 19.42 31.56
N ALA D 90 -5.29 18.34 31.84
CA ALA D 90 -6.45 18.00 31.02
C ALA D 90 -7.75 18.33 31.77
N THR D 91 -8.81 18.66 31.04
CA THR D 91 -10.09 18.97 31.67
C THR D 91 -11.08 17.85 31.36
N LEU D 92 -11.77 17.36 32.38
CA LEU D 92 -12.71 16.26 32.22
C LEU D 92 -14.14 16.71 32.28
N ARG D 93 -14.93 16.21 31.34
CA ARG D 93 -16.33 16.55 31.29
C ARG D 93 -17.12 15.38 30.75
N LEU D 94 -18.42 15.40 30.97
CA LEU D 94 -19.28 14.34 30.45
C LEU D 94 -19.78 14.64 29.03
N TYR D 95 -19.48 13.74 28.10
CA TYR D 95 -19.92 13.90 26.71
C TYR D 95 -20.76 12.70 26.32
N ASN D 96 -22.07 12.90 26.30
CA ASN D 96 -23.01 11.85 25.97
C ASN D 96 -22.84 10.62 26.81
N GLY D 97 -22.88 10.82 28.12
CA GLY D 97 -22.80 9.71 29.02
C GLY D 97 -21.43 9.22 29.43
N GLN D 98 -20.39 9.53 28.67
CA GLN D 98 -19.08 9.03 29.05
C GLN D 98 -18.07 10.11 29.36
N ARG D 99 -17.12 9.78 30.23
CA ARG D 99 -16.09 10.72 30.69
C ARG D 99 -15.16 11.04 29.56
N GLN D 100 -15.07 12.33 29.23
CA GLN D 100 -14.24 12.81 28.14
C GLN D 100 -13.18 13.79 28.62
N PHE D 101 -11.91 13.46 28.44
CA PHE D 101 -10.83 14.33 28.84
C PHE D 101 -10.37 15.16 27.65
N ASN D 102 -10.27 16.47 27.85
CA ASN D 102 -9.84 17.37 26.81
C ASN D 102 -8.57 18.09 27.21
N ALA D 103 -7.61 18.19 26.29
CA ALA D 103 -6.34 18.87 26.56
C ALA D 103 -5.88 19.67 25.36
N ASN D 104 -5.77 20.99 25.53
CA ASN D 104 -5.28 21.88 24.49
C ASN D 104 -3.76 21.95 24.57
N VAL D 105 -3.09 21.12 23.80
CA VAL D 105 -1.65 21.08 23.80
C VAL D 105 -1.13 22.41 23.30
N PHE D 106 -1.88 23.03 22.40
CA PHE D 106 -1.47 24.32 21.84
C PHE D 106 -1.40 25.42 22.90
N TYR D 107 -1.90 25.11 24.09
CA TYR D 107 -1.87 26.08 25.17
C TYR D 107 -0.97 25.66 26.31
N SER D 108 -1.49 24.88 27.25
CA SER D 108 -0.66 24.46 28.36
C SER D 108 -0.70 22.99 28.68
N SER D 109 -1.39 22.23 27.86
CA SER D 109 -1.48 20.79 28.06
C SER D 109 -0.35 20.04 27.34
N SER D 110 0.04 18.88 27.89
CA SER D 110 1.09 18.08 27.27
C SER D 110 0.83 16.58 27.46
N TRP D 111 1.43 15.79 26.59
CA TRP D 111 1.30 14.34 26.63
C TRP D 111 2.65 13.66 26.47
N ALA D 112 2.70 12.39 26.85
CA ALA D 112 3.92 11.63 26.72
C ALA D 112 3.55 10.14 26.60
N LEU D 113 4.26 9.42 25.74
CA LEU D 113 3.97 8.01 25.51
C LEU D 113 5.04 7.11 26.09
N PHE D 114 4.59 6.04 26.72
CA PHE D 114 5.52 5.09 27.27
C PHE D 114 5.27 3.70 26.69
N SER D 115 6.35 3.02 26.34
CA SER D 115 6.24 1.67 25.78
C SER D 115 5.96 0.62 26.86
N THR D 116 4.83 -0.08 26.72
CA THR D 116 4.47 -1.15 27.66
C THR D 116 5.41 -2.33 27.42
N ASP D 117 5.75 -2.60 26.17
CA ASP D 117 6.70 -3.66 25.85
C ASP D 117 8.13 -3.12 25.96
N LYS D 118 9.11 -3.99 25.78
CA LYS D 118 10.49 -3.59 25.88
C LYS D 118 10.81 -2.45 24.95
N ARG D 119 10.36 -2.57 23.71
CA ARG D 119 10.61 -1.56 22.70
C ARG D 119 9.33 -0.96 22.15
N SER D 120 9.40 0.30 21.71
CA SER D 120 8.23 0.95 21.11
C SER D 120 8.16 0.45 19.66
N VAL D 121 7.00 0.60 19.03
CA VAL D 121 6.86 0.15 17.66
C VAL D 121 8.02 0.68 16.84
N THR D 122 8.27 1.99 16.90
CA THR D 122 9.36 2.59 16.15
C THR D 122 10.70 1.95 16.44
N GLN D 123 10.96 1.69 17.72
CA GLN D 123 12.21 1.06 18.11
C GLN D 123 12.30 -0.38 17.59
N GLU D 124 11.16 -1.04 17.44
CA GLU D 124 11.16 -2.39 16.91
C GLU D 124 11.51 -2.34 15.43
N ILE D 125 10.85 -1.44 14.70
CA ILE D 125 11.05 -1.29 13.28
C ILE D 125 12.48 -0.90 13.01
N ASN D 126 13.10 -0.15 13.92
CA ASN D 126 14.49 0.28 13.71
C ASN D 126 15.53 -0.55 14.47
N ASN D 127 15.04 -1.55 15.19
CA ASN D 127 15.89 -2.42 15.97
C ASN D 127 16.75 -1.60 16.92
N GLN D 128 16.09 -0.79 17.74
CA GLN D 128 16.77 0.05 18.73
C GLN D 128 16.33 -0.37 20.13
N ASP D 129 17.15 -0.06 21.13
CA ASP D 129 16.83 -0.39 22.51
C ASP D 129 16.30 0.89 23.15
N ALA D 130 15.48 0.75 24.19
CA ALA D 130 14.88 1.90 24.85
C ALA D 130 15.88 2.49 25.81
N VAL D 131 15.98 3.81 25.81
CA VAL D 131 16.93 4.49 26.69
C VAL D 131 16.84 3.89 28.09
N SER D 132 15.62 3.68 28.55
CA SER D 132 15.37 3.11 29.87
C SER D 132 13.89 2.80 29.97
N ASP D 133 13.48 2.22 31.09
CA ASP D 133 12.08 1.87 31.26
C ASP D 133 11.26 2.99 31.83
N THR D 134 11.83 4.20 31.80
CA THR D 134 11.15 5.40 32.29
C THR D 134 11.31 6.55 31.29
N THR D 135 11.79 6.21 30.09
CA THR D 135 11.96 7.17 29.00
C THR D 135 10.79 7.14 28.00
N PRO D 136 10.13 8.28 27.80
CA PRO D 136 9.00 8.37 26.88
C PRO D 136 9.56 8.24 25.50
N PHE D 137 8.94 7.40 24.67
CA PHE D 137 9.44 7.25 23.33
C PHE D 137 8.88 8.34 22.42
N SER D 138 7.99 9.17 22.98
CA SER D 138 7.36 10.27 22.24
C SER D 138 6.69 11.17 23.24
N PHE D 139 6.80 12.48 23.04
CA PHE D 139 6.16 13.40 23.95
C PHE D 139 6.00 14.77 23.34
N SER D 140 5.01 15.54 23.81
CA SER D 140 4.76 16.89 23.30
C SER D 140 5.74 17.92 23.89
N SER D 141 5.80 19.11 23.28
CA SER D 141 6.73 20.15 23.72
C SER D 141 8.19 19.72 23.53
N LYS D 142 9.13 20.55 23.97
CA LYS D 142 10.54 20.23 23.81
C LYS D 142 11.10 19.35 24.93
N HIS D 143 10.49 19.40 26.11
CA HIS D 143 11.00 18.62 27.24
C HIS D 143 9.90 17.86 27.94
N ALA D 144 10.33 16.84 28.69
CA ALA D 144 9.47 15.96 29.48
C ALA D 144 10.23 15.55 30.74
N THR D 145 9.61 15.69 31.90
CA THR D 145 10.28 15.32 33.14
C THR D 145 9.54 14.25 33.91
N ILE D 146 10.26 13.20 34.29
CA ILE D 146 9.66 12.11 35.07
C ILE D 146 10.19 12.20 36.49
N GLU D 147 9.31 12.36 37.48
CA GLU D 147 9.73 12.42 38.87
C GLU D 147 9.85 11.02 39.48
N LYS D 148 10.73 10.87 40.47
CA LYS D 148 10.96 9.59 41.13
C LYS D 148 9.67 8.90 41.53
N ASN D 149 8.72 9.68 42.04
CA ASN D 149 7.44 9.10 42.48
C ASN D 149 6.65 8.48 41.35
N GLU D 150 6.86 8.97 40.13
CA GLU D 150 6.15 8.44 38.95
C GLU D 150 6.57 7.00 38.63
N ILE D 151 7.85 6.72 38.76
CA ILE D 151 8.35 5.40 38.47
C ILE D 151 7.42 4.27 38.88
N SER D 152 6.94 4.29 40.12
CA SER D 152 6.05 3.25 40.60
C SER D 152 4.77 3.23 39.78
N ILE D 153 4.19 4.40 39.53
CA ILE D 153 2.95 4.49 38.75
C ILE D 153 3.10 3.84 37.39
N LEU D 154 4.16 4.22 36.69
CA LEU D 154 4.43 3.69 35.36
C LEU D 154 4.64 2.18 35.39
N GLN D 155 5.46 1.71 36.32
CA GLN D 155 5.73 0.29 36.41
C GLN D 155 4.46 -0.50 36.73
N ASN D 156 3.71 -0.03 37.71
CA ASN D 156 2.48 -0.71 38.06
C ASN D 156 1.52 -0.70 36.90
N LEU D 157 1.39 0.42 36.21
CA LEU D 157 0.47 0.51 35.09
C LEU D 157 0.88 -0.41 33.97
N ARG D 158 2.18 -0.63 33.83
CA ARG D 158 2.65 -1.53 32.78
C ARG D 158 2.25 -2.95 33.16
N LYS D 159 2.42 -3.27 34.43
CA LYS D 159 2.08 -4.60 34.90
C LYS D 159 0.58 -4.83 34.71
N TRP D 160 -0.21 -3.80 34.99
CA TRP D 160 -1.65 -3.88 34.85
C TRP D 160 -2.04 -4.05 33.39
N ALA D 161 -1.44 -3.23 32.53
CA ALA D 161 -1.70 -3.26 31.10
C ALA D 161 -1.58 -4.67 30.57
N ASN D 162 -0.51 -5.38 30.93
CA ASN D 162 -0.34 -6.75 30.44
C ASN D 162 -1.41 -7.71 30.97
N GLN D 163 -1.69 -7.63 32.27
CA GLN D 163 -2.69 -8.51 32.85
C GLN D 163 -4.00 -8.30 32.12
N TYR D 164 -4.34 -7.03 31.91
CA TYR D 164 -5.54 -6.64 31.20
C TYR D 164 -5.57 -7.17 29.75
N PHE D 165 -4.48 -6.97 29.00
CA PHE D 165 -4.46 -7.40 27.61
C PHE D 165 -4.35 -8.90 27.41
N SER D 166 -3.85 -9.58 28.43
CA SER D 166 -3.72 -11.02 28.34
C SER D 166 -4.97 -11.73 28.87
N SER D 167 -5.76 -11.02 29.67
CA SER D 167 -6.95 -11.58 30.28
C SER D 167 -8.22 -11.27 29.52
N TYR D 168 -8.27 -10.11 28.89
CA TYR D 168 -9.46 -9.70 28.16
C TYR D 168 -9.14 -9.42 26.70
N SER D 169 -10.15 -9.06 25.95
CA SER D 169 -9.99 -8.73 24.54
C SER D 169 -9.59 -7.28 24.34
N VAL D 170 -9.94 -6.44 25.30
CA VAL D 170 -9.69 -5.01 25.26
C VAL D 170 -10.51 -4.42 24.11
N ILE D 171 -10.37 -4.99 22.92
CA ILE D 171 -11.14 -4.54 21.77
C ILE D 171 -12.26 -5.57 21.60
N SER D 172 -13.32 -5.37 22.37
CA SER D 172 -14.47 -6.26 22.32
C SER D 172 -15.22 -6.28 20.98
N SER D 173 -16.10 -7.26 20.83
CA SER D 173 -16.86 -7.42 19.59
C SER D 173 -17.67 -6.20 19.20
N ASP D 174 -18.10 -5.41 20.18
CA ASP D 174 -18.88 -4.23 19.89
C ASP D 174 -18.01 -3.09 19.38
N MET D 175 -16.71 -3.30 19.34
CA MET D 175 -15.80 -2.28 18.86
C MET D 175 -15.33 -2.46 17.43
N TYR D 176 -16.01 -3.27 16.64
CA TYR D 176 -15.63 -3.46 15.24
C TYR D 176 -16.65 -4.32 14.49
N THR D 177 -16.68 -4.21 13.16
CA THR D 177 -17.61 -4.97 12.35
C THR D 177 -16.92 -6.11 11.59
N ALA D 178 -17.66 -7.20 11.38
CA ALA D 178 -17.10 -8.35 10.69
C ALA D 178 -16.99 -8.05 9.21
N LEU D 179 -15.79 -8.28 8.64
CA LEU D 179 -15.56 -7.98 7.22
C LEU D 179 -16.60 -8.55 6.30
N ASN D 180 -17.22 -9.66 6.70
CA ASN D 180 -18.22 -10.25 5.83
C ASN D 180 -19.57 -9.59 6.03
N LYS D 181 -19.59 -8.47 6.74
CA LYS D 181 -20.83 -7.73 6.96
C LYS D 181 -20.60 -6.27 6.64
N ALA D 182 -19.36 -5.96 6.29
CA ALA D 182 -18.95 -4.61 5.98
C ALA D 182 -19.81 -3.89 4.94
N GLN D 183 -20.38 -4.64 4.02
CA GLN D 183 -21.22 -4.05 2.99
C GLN D 183 -22.61 -3.64 3.51
N ALA D 184 -22.92 -4.01 4.73
CA ALA D 184 -24.22 -3.65 5.28
C ALA D 184 -24.16 -2.37 6.11
N GLN D 185 -22.96 -1.87 6.33
CA GLN D 185 -22.83 -0.67 7.13
C GLN D 185 -23.21 0.57 6.36
N LYS D 186 -23.85 1.52 7.05
CA LYS D 186 -24.24 2.82 6.50
C LYS D 186 -23.01 3.67 6.20
N GLY D 187 -22.14 3.85 7.19
CA GLY D 187 -20.93 4.63 7.02
C GLY D 187 -19.68 3.84 7.37
N ASP D 188 -18.71 4.52 7.98
CA ASP D 188 -17.44 3.90 8.33
C ASP D 188 -17.63 2.94 9.48
N PHE D 189 -16.66 2.03 9.62
CA PHE D 189 -16.70 1.05 10.69
C PHE D 189 -15.27 0.66 11.05
N ASP D 190 -15.11 -0.11 12.13
CA ASP D 190 -13.79 -0.58 12.52
C ASP D 190 -13.60 -2.06 12.14
N VAL D 191 -12.34 -2.49 12.05
CA VAL D 191 -11.99 -3.86 11.68
C VAL D 191 -10.89 -4.43 12.56
N VAL D 192 -10.84 -5.75 12.67
CA VAL D 192 -9.80 -6.41 13.43
C VAL D 192 -9.49 -7.64 12.59
N ALA D 193 -8.38 -7.61 11.87
CA ALA D 193 -8.00 -8.74 11.02
C ALA D 193 -6.51 -9.07 11.05
N LYS D 194 -6.15 -10.14 10.35
CA LYS D 194 -4.77 -10.57 10.29
C LYS D 194 -4.22 -10.12 8.96
N ILE D 195 -2.97 -9.67 8.96
CA ILE D 195 -2.32 -9.25 7.73
C ILE D 195 -1.73 -10.49 7.03
N LEU D 196 -2.41 -10.94 6.00
CA LEU D 196 -1.96 -12.12 5.28
C LEU D 196 -0.89 -11.79 4.28
N GLN D 197 -0.88 -10.56 3.77
CA GLN D 197 0.11 -10.14 2.76
C GLN D 197 0.29 -8.64 2.66
N VAL D 198 1.52 -8.20 2.45
CA VAL D 198 1.81 -6.79 2.35
C VAL D 198 2.44 -6.63 1.01
N HIS D 199 1.66 -6.19 0.04
CA HIS D 199 2.16 -5.99 -1.30
C HIS D 199 2.57 -4.52 -1.58
N GLU D 200 3.81 -4.32 -2.02
CA GLU D 200 4.33 -2.99 -2.32
C GLU D 200 3.81 -2.53 -3.69
N LEU D 201 2.62 -1.95 -3.69
CA LEU D 201 2.00 -1.47 -4.92
C LEU D 201 2.91 -0.50 -5.65
N ASP D 202 3.43 0.47 -4.93
CA ASP D 202 4.32 1.42 -5.58
C ASP D 202 5.28 2.10 -4.62
N GLU D 203 5.93 3.14 -5.10
CA GLU D 203 6.92 3.86 -4.31
C GLU D 203 6.45 4.26 -2.88
N TYR D 204 5.21 4.72 -2.76
CA TYR D 204 4.75 5.18 -1.45
C TYR D 204 3.55 4.45 -0.91
N THR D 205 3.07 3.42 -1.59
CA THR D 205 1.90 2.72 -1.11
C THR D 205 2.04 1.22 -0.90
N ASN D 206 1.39 0.71 0.15
CA ASN D 206 1.37 -0.73 0.45
C ASN D 206 -0.08 -1.17 0.26
N GLU D 207 -0.29 -2.43 -0.08
CA GLU D 207 -1.66 -2.91 -0.23
C GLU D 207 -1.77 -4.12 0.68
N LEU D 208 -2.45 -3.95 1.82
CA LEU D 208 -2.63 -5.02 2.79
C LEU D 208 -3.72 -5.99 2.37
N LYS D 209 -3.47 -7.29 2.57
CA LYS D 209 -4.43 -8.35 2.25
C LYS D 209 -4.87 -8.86 3.61
N LEU D 210 -5.98 -8.33 4.08
CA LEU D 210 -6.49 -8.66 5.39
C LEU D 210 -7.53 -9.76 5.42
N LYS D 211 -7.55 -10.51 6.51
CA LYS D 211 -8.55 -11.56 6.67
C LYS D 211 -8.88 -11.60 8.18
N ASP D 212 -10.15 -11.47 8.52
CA ASP D 212 -10.52 -11.47 9.93
C ASP D 212 -11.11 -12.79 10.35
N ALA D 213 -11.68 -12.80 11.53
CA ALA D 213 -12.27 -14.00 12.09
C ALA D 213 -13.41 -14.54 11.26
N SER D 214 -14.07 -13.69 10.50
CA SER D 214 -15.21 -14.14 9.72
C SER D 214 -14.78 -14.92 8.50
N GLY D 215 -13.52 -14.78 8.13
CA GLY D 215 -13.01 -15.48 6.97
C GLY D 215 -12.93 -14.68 5.69
N GLN D 216 -13.61 -13.53 5.65
CA GLN D 216 -13.61 -12.67 4.44
C GLN D 216 -12.27 -12.07 4.23
N VAL D 217 -11.90 -11.90 2.95
CA VAL D 217 -10.61 -11.32 2.59
C VAL D 217 -10.81 -9.97 1.96
N PHE D 218 -10.16 -8.95 2.51
CA PHE D 218 -10.31 -7.61 1.96
C PHE D 218 -8.94 -7.05 1.71
N TYR D 219 -8.86 -6.04 0.84
CA TYR D 219 -7.61 -5.36 0.55
C TYR D 219 -7.78 -3.89 0.92
N THR D 220 -6.66 -3.22 1.22
CA THR D 220 -6.72 -1.82 1.54
C THR D 220 -5.35 -1.17 1.27
N LEU D 221 -5.34 0.12 0.95
CA LEU D 221 -4.08 0.80 0.68
C LEU D 221 -3.58 1.51 1.91
N SER D 222 -2.40 1.10 2.34
CA SER D 222 -1.73 1.60 3.54
C SER D 222 -0.43 2.31 3.15
N LEU D 223 -0.40 3.64 3.21
CA LEU D 223 0.83 4.38 2.90
C LEU D 223 2.01 3.87 3.72
N LYS D 224 3.17 3.78 3.09
CA LYS D 224 4.37 3.30 3.77
C LYS D 224 4.81 4.23 4.88
N LEU D 225 4.85 5.52 4.59
CA LEU D 225 5.28 6.51 5.55
C LEU D 225 4.36 6.58 6.75
N LYS D 226 3.05 6.54 6.53
CA LYS D 226 2.07 6.68 7.60
C LYS D 226 2.02 5.50 8.54
N PHE D 227 1.96 4.30 7.96
CA PHE D 227 1.92 3.07 8.73
C PHE D 227 3.10 2.13 8.40
N PRO D 228 4.28 2.46 8.90
CA PRO D 228 5.46 1.65 8.64
C PRO D 228 5.55 0.39 9.45
N HIS D 229 4.59 0.16 10.33
CA HIS D 229 4.67 -1.01 11.18
C HIS D 229 3.90 -2.22 10.74
N VAL D 230 3.31 -2.18 9.54
CA VAL D 230 2.56 -3.34 9.05
C VAL D 230 3.47 -4.52 8.74
N ARG D 231 3.13 -5.69 9.26
CA ARG D 231 3.96 -6.87 9.05
C ARG D 231 3.09 -8.09 8.83
N THR D 232 3.31 -8.78 7.72
CA THR D 232 2.55 -9.99 7.43
C THR D 232 2.60 -10.99 8.59
N GLY D 233 1.42 -11.50 8.95
CA GLY D 233 1.27 -12.47 10.03
C GLY D 233 0.77 -11.85 11.32
N GLU D 234 0.90 -10.53 11.46
CA GLU D 234 0.46 -9.82 12.67
C GLU D 234 -1.03 -9.48 12.60
N VAL D 235 -1.64 -9.25 13.76
CA VAL D 235 -3.05 -8.89 13.81
C VAL D 235 -3.15 -7.39 14.13
N VAL D 236 -3.96 -6.67 13.36
CA VAL D 236 -4.16 -5.25 13.55
C VAL D 236 -5.63 -4.82 13.64
N ARG D 237 -5.87 -3.67 14.25
CA ARG D 237 -7.22 -3.13 14.36
C ARG D 237 -7.22 -1.90 13.47
N ILE D 238 -8.19 -1.80 12.58
CA ILE D 238 -8.26 -0.63 11.71
C ILE D 238 -9.37 0.29 12.20
N ARG D 239 -9.02 1.54 12.51
CA ARG D 239 -10.00 2.49 13.03
C ARG D 239 -10.53 3.34 11.91
N SER D 240 -11.82 3.18 11.64
CA SER D 240 -12.51 3.95 10.62
C SER D 240 -12.23 3.59 9.18
N ALA D 241 -12.99 2.62 8.69
CA ALA D 241 -12.84 2.19 7.32
C ALA D 241 -14.21 2.15 6.66
N THR D 242 -14.26 2.30 5.34
CA THR D 242 -15.54 2.25 4.62
C THR D 242 -15.50 1.21 3.51
N TYR D 243 -16.65 0.62 3.20
CA TYR D 243 -16.76 -0.40 2.14
C TYR D 243 -16.75 0.29 0.78
N ASP D 244 -15.88 -0.15 -0.12
CA ASP D 244 -15.78 0.47 -1.42
C ASP D 244 -16.69 -0.16 -2.44
N GLU D 245 -17.81 0.50 -2.73
CA GLU D 245 -18.76 -0.04 -3.68
C GLU D 245 -18.25 -0.04 -5.10
N THR D 246 -17.26 0.78 -5.41
CA THR D 246 -16.72 0.86 -6.77
C THR D 246 -15.75 -0.25 -7.15
N SER D 247 -15.25 -0.97 -6.16
CA SER D 247 -14.33 -2.05 -6.47
C SER D 247 -15.11 -3.31 -6.80
N THR D 248 -15.01 -3.73 -8.06
CA THR D 248 -15.73 -4.89 -8.53
C THR D 248 -14.90 -6.17 -8.56
N GLN D 249 -13.62 -6.02 -8.91
CA GLN D 249 -12.72 -7.16 -8.98
C GLN D 249 -12.27 -7.73 -7.64
N LYS D 250 -12.27 -6.90 -6.60
CA LYS D 250 -11.86 -7.38 -5.30
C LYS D 250 -12.39 -6.54 -4.18
N LYS D 251 -12.66 -7.17 -3.04
CA LYS D 251 -13.19 -6.47 -1.88
C LYS D 251 -12.14 -5.47 -1.38
N VAL D 252 -12.53 -4.20 -1.30
CA VAL D 252 -11.65 -3.14 -0.84
C VAL D 252 -12.21 -2.32 0.33
N LEU D 253 -11.31 -1.91 1.22
CA LEU D 253 -11.64 -1.04 2.36
C LEU D 253 -10.99 0.33 2.12
N ILE D 254 -11.75 1.41 2.22
CA ILE D 254 -11.19 2.75 1.98
C ILE D 254 -10.83 3.36 3.32
N LEU D 255 -9.66 3.97 3.43
CA LEU D 255 -9.24 4.58 4.68
C LEU D 255 -9.23 6.08 4.51
N SER D 256 -9.44 6.83 5.58
CA SER D 256 -9.47 8.29 5.54
C SER D 256 -8.21 8.86 6.15
N HIS D 257 -8.05 10.17 6.04
CA HIS D 257 -6.87 10.79 6.57
C HIS D 257 -6.85 10.72 8.07
N TYR D 258 -7.95 10.30 8.68
CA TYR D 258 -7.94 10.20 10.13
C TYR D 258 -7.96 8.74 10.60
N SER D 259 -8.06 7.83 9.62
CA SER D 259 -8.11 6.39 9.87
C SER D 259 -6.77 5.95 10.42
N ASN D 260 -6.77 4.89 11.20
CA ASN D 260 -5.54 4.40 11.79
C ASN D 260 -5.43 2.88 11.81
N ILE D 261 -4.20 2.36 11.75
CA ILE D 261 -3.94 0.93 11.77
C ILE D 261 -3.12 0.64 13.04
N ILE D 262 -3.70 -0.07 13.99
CA ILE D 262 -3.02 -0.31 15.26
C ILE D 262 -2.76 -1.77 15.56
N THR D 263 -1.57 -2.06 16.08
CA THR D 263 -1.20 -3.43 16.41
C THR D 263 -1.45 -3.61 17.89
N PHE D 264 -1.16 -4.80 18.43
CA PHE D 264 -1.39 -5.01 19.85
C PHE D 264 -0.12 -5.35 20.59
N ILE D 265 -0.06 -5.04 21.88
CA ILE D 265 1.13 -5.36 22.65
C ILE D 265 1.26 -6.87 22.80
N GLN D 266 2.50 -7.35 22.80
CA GLN D 266 2.82 -8.78 22.90
C GLN D 266 1.85 -9.62 23.76
N SER D 267 1.34 -9.04 24.84
CA SER D 267 0.45 -9.79 25.72
C SER D 267 -0.99 -9.93 25.29
N SER D 268 -1.40 -9.19 24.27
CA SER D 268 -2.76 -9.23 23.79
C SER D 268 -3.34 -10.59 23.53
N LYS D 269 -4.32 -10.98 24.34
CA LYS D 269 -4.98 -12.26 24.19
C LYS D 269 -5.67 -12.34 22.83
N LEU D 270 -6.26 -11.22 22.44
CA LEU D 270 -7.00 -11.15 21.20
C LEU D 270 -6.11 -11.43 20.03
N ALA D 271 -5.01 -10.69 19.97
CA ALA D 271 -4.07 -10.84 18.87
C ALA D 271 -3.53 -12.24 18.80
N LYS D 272 -3.16 -12.77 19.94
CA LYS D 272 -2.63 -14.11 20.00
C LYS D 272 -3.62 -15.09 19.38
N GLU D 273 -4.87 -15.06 19.83
CA GLU D 273 -5.86 -15.99 19.30
C GLU D 273 -6.10 -15.83 17.82
N LEU D 274 -6.13 -14.59 17.36
CA LEU D 274 -6.40 -14.37 15.97
C LEU D 274 -5.24 -14.80 15.11
N ARG D 275 -4.02 -14.61 15.61
CA ARG D 275 -2.86 -14.99 14.81
C ARG D 275 -2.90 -16.47 14.52
N ALA D 276 -3.38 -17.23 15.49
CA ALA D 276 -3.49 -18.67 15.36
C ALA D 276 -4.76 -19.12 14.66
N LYS D 277 -5.86 -18.43 14.92
CA LYS D 277 -7.11 -18.82 14.32
C LYS D 277 -7.14 -18.56 12.81
N ILE D 278 -7.05 -17.30 12.43
CA ILE D 278 -7.10 -16.93 11.01
C ILE D 278 -5.94 -17.52 10.24
N GLN D 279 -6.25 -18.31 9.23
CA GLN D 279 -5.23 -18.95 8.41
C GLN D 279 -5.18 -18.44 6.99
N ASP D 280 -3.96 -18.37 6.47
CA ASP D 280 -3.75 -17.85 5.13
C ASP D 280 -4.77 -18.35 4.12
N ASP D 281 -5.13 -17.49 3.18
CA ASP D 281 -6.10 -17.88 2.18
C ASP D 281 -5.52 -17.62 0.80
N HIS D 282 -5.71 -18.57 -0.12
CA HIS D 282 -5.20 -18.44 -1.48
C HIS D 282 -6.32 -18.56 -2.52
N SER D 283 -7.56 -18.59 -2.04
CA SER D 283 -8.70 -18.70 -2.93
C SER D 283 -8.64 -17.65 -4.03
N VAL D 284 -8.49 -16.38 -3.63
CA VAL D 284 -8.42 -15.26 -4.57
C VAL D 284 -7.36 -15.50 -5.64
N GLU D 285 -6.18 -15.95 -5.20
CA GLU D 285 -5.09 -16.24 -6.12
C GLU D 285 -5.51 -17.33 -7.10
N VAL D 286 -5.85 -18.50 -6.58
CA VAL D 286 -6.26 -19.61 -7.41
C VAL D 286 -7.33 -19.20 -8.40
N ALA D 287 -8.32 -18.48 -7.92
CA ALA D 287 -9.39 -18.06 -8.80
C ALA D 287 -8.89 -17.12 -9.88
N SER D 288 -7.98 -16.23 -9.49
CA SER D 288 -7.48 -15.24 -10.42
C SER D 288 -6.63 -15.85 -11.51
N LEU D 289 -6.09 -17.03 -11.26
CA LEU D 289 -5.30 -17.66 -12.28
C LEU D 289 -6.11 -18.14 -13.50
N LYS D 290 -7.44 -18.13 -13.40
CA LYS D 290 -8.31 -18.59 -14.48
C LYS D 290 -8.71 -17.42 -15.37
N LYS D 291 -8.39 -16.22 -14.90
CA LYS D 291 -8.69 -14.99 -15.61
C LYS D 291 -7.50 -14.49 -16.42
N ASN D 292 -7.73 -14.15 -17.68
CA ASN D 292 -6.66 -13.65 -18.54
C ASN D 292 -5.99 -12.45 -17.90
N VAL D 293 -6.74 -11.70 -17.10
CA VAL D 293 -6.18 -10.53 -16.43
C VAL D 293 -6.69 -10.47 -15.01
N SER D 294 -5.77 -10.46 -14.05
CA SER D 294 -6.16 -10.43 -12.66
C SER D 294 -5.78 -9.13 -11.97
N LEU D 295 -6.78 -8.38 -11.52
CA LEU D 295 -6.54 -7.13 -10.81
C LEU D 295 -6.09 -7.39 -9.37
N ASN D 296 -5.72 -8.64 -9.09
CA ASN D 296 -5.26 -9.04 -7.76
C ASN D 296 -3.89 -9.60 -7.89
N ALA D 297 -2.98 -9.13 -7.05
CA ALA D 297 -1.60 -9.58 -7.09
C ALA D 297 -1.48 -10.97 -6.52
N VAL D 298 -0.71 -11.83 -7.17
CA VAL D 298 -0.53 -13.21 -6.72
C VAL D 298 0.94 -13.55 -6.51
N VAL D 299 1.38 -13.66 -5.26
CA VAL D 299 2.78 -13.98 -5.00
C VAL D 299 2.97 -15.46 -5.33
N LEU D 300 3.64 -15.75 -6.43
CA LEU D 300 3.84 -17.12 -6.90
C LEU D 300 4.80 -18.00 -6.11
N THR D 301 5.66 -17.40 -5.29
CA THR D 301 6.63 -18.20 -4.56
C THR D 301 6.68 -18.01 -3.06
N GLU D 302 7.52 -18.80 -2.41
CA GLU D 302 7.69 -18.75 -0.96
C GLU D 302 9.13 -19.15 -0.61
N VAL D 303 9.76 -18.38 0.26
CA VAL D 303 11.14 -18.67 0.63
C VAL D 303 11.22 -19.63 1.81
N ASP D 304 12.34 -20.33 1.94
CA ASP D 304 12.53 -21.28 3.03
C ASP D 304 12.30 -20.60 4.38
N LYS D 305 11.55 -21.29 5.23
CA LYS D 305 11.22 -20.81 6.55
C LYS D 305 12.37 -20.09 7.25
N LYS D 306 13.60 -20.56 7.07
CA LYS D 306 14.75 -19.98 7.73
C LYS D 306 15.06 -18.58 7.24
N HIS D 307 14.31 -18.12 6.23
CA HIS D 307 14.54 -16.78 5.71
C HIS D 307 13.36 -15.87 5.97
N ALA D 308 12.25 -16.42 6.45
CA ALA D 308 11.04 -15.63 6.69
C ALA D 308 11.31 -14.42 7.57
N ALA D 309 12.45 -14.43 8.23
CA ALA D 309 12.81 -13.32 9.10
C ALA D 309 13.80 -12.37 8.44
N LEU D 310 14.22 -12.72 7.23
CA LEU D 310 15.19 -11.91 6.50
C LEU D 310 14.46 -10.74 5.85
N PRO D 311 15.01 -9.53 6.01
CA PRO D 311 14.43 -8.31 5.45
C PRO D 311 14.61 -8.27 3.94
N SER D 312 13.66 -7.63 3.25
CA SER D 312 13.71 -7.54 1.78
C SER D 312 14.55 -6.38 1.29
N THR D 313 15.06 -6.49 0.07
CA THR D 313 15.89 -5.45 -0.52
C THR D 313 15.40 -5.18 -1.92
N SER D 314 15.13 -3.91 -2.19
CA SER D 314 14.60 -3.53 -3.48
C SER D 314 15.60 -3.70 -4.60
N LEU D 315 15.10 -3.96 -5.79
CA LEU D 315 15.97 -4.13 -6.95
C LEU D 315 16.84 -2.88 -7.10
N GLN D 316 16.24 -1.73 -6.83
CA GLN D 316 16.96 -0.47 -6.91
C GLN D 316 18.26 -0.56 -6.14
N ASP D 317 18.20 -1.06 -4.91
CA ASP D 317 19.42 -1.17 -4.11
C ASP D 317 20.27 -2.30 -4.63
N LEU D 318 19.61 -3.40 -4.97
CA LEU D 318 20.27 -4.61 -5.42
C LEU D 318 21.13 -4.45 -6.67
N PHE D 319 20.73 -3.57 -7.57
CA PHE D 319 21.51 -3.41 -8.79
C PHE D 319 22.14 -2.02 -9.02
N HIS D 320 21.77 -1.04 -8.19
CA HIS D 320 22.30 0.31 -8.37
C HIS D 320 23.09 0.80 -7.16
N HIS D 321 23.08 0.06 -6.06
CA HIS D 321 23.81 0.54 -4.89
C HIS D 321 24.58 -0.58 -4.23
N ALA D 322 24.25 -1.83 -4.55
CA ALA D 322 24.94 -2.98 -3.96
C ALA D 322 26.47 -2.89 -3.94
N ASP D 323 27.04 -2.12 -4.88
CA ASP D 323 28.49 -1.97 -4.95
C ASP D 323 29.02 -0.65 -4.39
N SER D 324 28.14 0.13 -3.78
CA SER D 324 28.53 1.41 -3.24
C SER D 324 28.05 1.58 -1.81
N ASP D 325 26.95 0.93 -1.43
CA ASP D 325 26.45 1.03 -0.07
C ASP D 325 27.18 0.08 0.87
N LYS D 326 27.73 0.65 1.95
CA LYS D 326 28.49 -0.11 2.93
C LYS D 326 27.75 -1.36 3.39
N GLU D 327 26.48 -1.20 3.72
CA GLU D 327 25.69 -2.32 4.19
C GLU D 327 25.46 -3.38 3.15
N LEU D 328 25.04 -2.98 1.97
CA LEU D 328 24.77 -3.93 0.91
C LEU D 328 26.01 -4.71 0.51
N GLN D 329 27.17 -4.11 0.73
CA GLN D 329 28.43 -4.74 0.35
C GLN D 329 28.86 -5.86 1.28
N ALA D 330 28.41 -5.79 2.52
CA ALA D 330 28.76 -6.79 3.51
C ALA D 330 27.92 -8.04 3.37
N GLN D 331 26.81 -7.97 2.66
CA GLN D 331 25.94 -9.15 2.56
C GLN D 331 26.14 -9.83 1.23
N ASP D 332 25.85 -11.13 1.18
CA ASP D 332 25.93 -11.93 -0.04
C ASP D 332 24.57 -12.64 -0.29
N THR D 333 23.71 -12.63 0.73
CA THR D 333 22.40 -13.26 0.60
C THR D 333 21.34 -12.21 0.93
N PHE D 334 20.39 -12.03 0.02
CA PHE D 334 19.32 -11.06 0.21
C PHE D 334 17.97 -11.66 -0.16
N ARG D 335 16.91 -11.01 0.31
CA ARG D 335 15.54 -11.41 0.03
C ARG D 335 14.90 -10.27 -0.76
N THR D 336 14.19 -10.56 -1.83
CA THR D 336 13.60 -9.47 -2.58
C THR D 336 12.29 -9.89 -3.24
N GLN D 337 11.56 -8.91 -3.77
CA GLN D 337 10.32 -9.19 -4.46
C GLN D 337 10.34 -8.50 -5.81
N PHE D 338 9.77 -9.14 -6.82
CA PHE D 338 9.73 -8.55 -8.15
C PHE D 338 8.76 -9.31 -9.01
N TYR D 339 8.57 -8.85 -10.25
CA TYR D 339 7.69 -9.51 -11.20
C TYR D 339 8.51 -9.77 -12.45
N VAL D 340 8.40 -10.98 -12.98
CA VAL D 340 9.13 -11.37 -14.16
C VAL D 340 8.53 -10.82 -15.45
N THR D 341 9.32 -10.06 -16.20
CA THR D 341 8.86 -9.48 -17.46
C THR D 341 9.12 -10.43 -18.61
N LYS D 342 10.31 -11.02 -18.62
CA LYS D 342 10.69 -11.96 -19.68
C LYS D 342 11.59 -13.05 -19.14
N ILE D 343 11.46 -14.25 -19.71
CA ILE D 343 12.26 -15.40 -19.29
C ILE D 343 13.14 -15.86 -20.43
N GLU D 344 14.39 -16.15 -20.11
CA GLU D 344 15.37 -16.59 -21.11
C GLU D 344 16.00 -17.90 -20.69
N PRO D 345 16.31 -18.75 -21.68
CA PRO D 345 15.98 -18.60 -23.11
C PRO D 345 14.53 -18.68 -23.41
N SER D 346 14.14 -18.19 -24.58
CA SER D 346 12.73 -18.20 -24.96
C SER D 346 12.14 -19.60 -24.99
N ASP D 347 12.85 -20.53 -25.60
CA ASP D 347 12.35 -21.89 -25.71
C ASP D 347 12.43 -22.58 -24.38
N VAL D 348 11.28 -22.85 -23.78
CA VAL D 348 11.19 -23.51 -22.49
C VAL D 348 11.95 -24.81 -22.50
N LYS D 349 12.08 -25.43 -23.66
CA LYS D 349 12.80 -26.69 -23.77
C LYS D 349 14.30 -26.52 -23.51
N GLU D 350 14.80 -25.29 -23.55
CA GLU D 350 16.21 -25.08 -23.31
C GLU D 350 16.49 -24.64 -21.88
N TRP D 351 15.48 -24.65 -21.03
CA TRP D 351 15.69 -24.25 -19.65
C TRP D 351 16.61 -25.23 -18.95
N VAL D 352 16.59 -26.48 -19.38
CA VAL D 352 17.43 -27.50 -18.76
C VAL D 352 18.50 -27.90 -19.75
N LYS D 353 19.75 -27.59 -19.39
CA LYS D 353 20.93 -27.87 -20.20
C LYS D 353 21.80 -28.94 -19.55
N GLY D 354 22.68 -29.53 -20.35
CA GLY D 354 23.57 -30.54 -19.84
C GLY D 354 24.79 -29.82 -19.31
N TYR D 355 25.27 -30.22 -18.15
CA TYR D 355 26.42 -29.54 -17.58
C TYR D 355 27.63 -30.42 -17.31
N ASP D 356 28.80 -29.95 -17.76
CA ASP D 356 30.07 -30.64 -17.59
C ASP D 356 30.79 -29.99 -16.43
N ARG D 357 30.72 -30.61 -15.26
CA ARG D 357 31.34 -30.07 -14.06
C ARG D 357 32.85 -29.87 -14.12
N LYS D 358 33.50 -30.46 -15.12
CA LYS D 358 34.94 -30.33 -15.24
C LYS D 358 35.33 -29.19 -16.15
N THR D 359 34.63 -29.01 -17.25
CA THR D 359 34.93 -27.92 -18.18
C THR D 359 34.14 -26.64 -17.88
N LYS D 360 33.21 -26.75 -16.93
CA LYS D 360 32.37 -25.62 -16.53
C LYS D 360 31.62 -25.10 -17.73
N LYS D 361 31.05 -26.02 -18.52
CA LYS D 361 30.28 -25.66 -19.72
C LYS D 361 28.96 -26.41 -19.79
N SER D 362 27.96 -25.72 -20.31
CA SER D 362 26.65 -26.32 -20.45
C SER D 362 26.40 -26.51 -21.93
N SER D 363 25.32 -27.20 -22.28
CA SER D 363 24.99 -27.46 -23.69
C SER D 363 23.56 -27.96 -23.87
N SER D 364 23.03 -27.79 -25.08
CA SER D 364 21.66 -28.20 -25.39
C SER D 364 21.53 -29.70 -25.39
N LEU D 365 20.38 -30.19 -24.94
CA LEU D 365 20.17 -31.62 -24.89
C LEU D 365 19.36 -32.03 -26.09
N LYS D 366 19.33 -31.19 -27.12
CA LYS D 366 18.56 -31.52 -28.29
C LYS D 366 19.29 -32.65 -29.02
N GLY D 367 20.51 -32.92 -28.56
CA GLY D 367 21.29 -33.99 -29.14
C GLY D 367 21.36 -35.16 -28.17
N ALA D 368 20.66 -35.02 -27.05
CA ALA D 368 20.55 -36.02 -25.98
C ALA D 368 21.63 -35.96 -24.87
N SER D 369 21.50 -36.89 -23.92
CA SER D 369 22.37 -37.06 -22.74
C SER D 369 23.90 -36.79 -22.87
N GLY D 370 24.40 -36.69 -24.10
CA GLY D 370 25.82 -36.44 -24.35
C GLY D 370 26.35 -35.08 -23.90
N LYS D 371 25.69 -34.47 -22.93
CA LYS D 371 26.12 -33.16 -22.46
C LYS D 371 26.42 -33.09 -20.96
N GLY D 372 26.27 -34.20 -20.25
CA GLY D 372 26.55 -34.21 -18.82
C GLY D 372 25.32 -34.12 -17.94
N ASP D 373 25.52 -33.76 -16.68
CA ASP D 373 24.43 -33.64 -15.73
C ASP D 373 23.39 -32.62 -16.19
N ASN D 374 22.14 -32.87 -15.85
CA ASN D 374 21.09 -31.92 -16.21
C ASN D 374 20.95 -30.85 -15.13
N ILE D 375 20.87 -29.60 -15.57
CA ILE D 375 20.70 -28.48 -14.65
C ILE D 375 19.87 -27.36 -15.26
N PHE D 376 19.25 -26.56 -14.41
CA PHE D 376 18.45 -25.45 -14.88
C PHE D 376 19.36 -24.26 -15.09
N GLN D 377 19.24 -23.62 -16.24
CA GLN D 377 20.02 -22.42 -16.50
C GLN D 377 19.06 -21.37 -17.01
N VAL D 378 18.16 -20.91 -16.14
CA VAL D 378 17.15 -19.93 -16.53
C VAL D 378 17.57 -18.54 -16.09
N GLN D 379 17.31 -17.55 -16.95
CA GLN D 379 17.65 -16.15 -16.68
C GLN D 379 16.40 -15.30 -16.70
N PHE D 380 16.05 -14.79 -15.52
CA PHE D 380 14.84 -14.00 -15.36
C PHE D 380 15.16 -12.55 -15.54
N LEU D 381 14.32 -11.85 -16.31
CA LEU D 381 14.46 -10.41 -16.51
C LEU D 381 13.35 -9.77 -15.65
N VAL D 382 13.72 -9.28 -14.47
CA VAL D 382 12.73 -8.73 -13.55
C VAL D 382 12.67 -7.23 -13.48
N LYS D 383 11.73 -6.74 -12.67
CA LYS D 383 11.52 -5.33 -12.42
C LYS D 383 10.65 -5.23 -11.19
N ASP D 384 10.68 -4.11 -10.48
CA ASP D 384 9.86 -3.96 -9.28
C ASP D 384 9.32 -2.56 -9.07
N ALA D 385 8.75 -2.34 -7.90
CA ALA D 385 8.18 -1.04 -7.54
C ALA D 385 9.22 0.09 -7.51
N SER D 386 10.41 -0.23 -7.01
CA SER D 386 11.49 0.75 -6.89
C SER D 386 12.11 1.14 -8.21
N THR D 387 11.84 0.37 -9.27
CA THR D 387 12.43 0.68 -10.57
C THR D 387 11.33 0.71 -11.62
N GLN D 388 10.10 0.82 -11.14
CA GLN D 388 8.94 0.83 -12.02
C GLN D 388 8.99 1.83 -13.18
N LEU D 389 9.50 3.03 -12.91
CA LEU D 389 9.54 4.05 -13.94
C LEU D 389 10.75 4.07 -14.86
N ASN D 390 11.90 3.55 -14.42
CA ASN D 390 13.12 3.59 -15.24
C ASN D 390 13.03 2.71 -16.47
N ASN D 391 13.95 2.89 -17.40
CA ASN D 391 13.96 2.13 -18.64
C ASN D 391 14.82 0.87 -18.51
N ASN D 392 14.80 0.25 -17.33
CA ASN D 392 15.58 -0.95 -17.11
C ASN D 392 14.79 -2.17 -16.68
N THR D 393 15.42 -3.32 -16.89
CA THR D 393 14.92 -4.61 -16.50
C THR D 393 16.17 -5.29 -15.88
N TYR D 394 16.03 -6.01 -14.77
CA TYR D 394 17.24 -6.58 -14.18
C TYR D 394 17.28 -8.11 -14.22
N ARG D 395 18.44 -8.67 -14.49
CA ARG D 395 18.63 -10.12 -14.57
C ARG D 395 18.83 -10.80 -13.23
N VAL D 396 18.03 -11.82 -12.99
CA VAL D 396 18.09 -12.61 -11.78
C VAL D 396 18.17 -14.02 -12.35
N LEU D 397 19.23 -14.73 -11.96
CA LEU D 397 19.52 -16.08 -12.44
C LEU D 397 19.02 -17.22 -11.58
N LEU D 398 18.87 -18.36 -12.25
CA LEU D 398 18.44 -19.59 -11.62
C LEU D 398 19.32 -20.67 -12.24
N TYR D 399 20.57 -20.70 -11.82
CA TYR D 399 21.49 -21.68 -12.34
C TYR D 399 21.67 -22.67 -11.20
N THR D 400 21.04 -23.84 -11.34
CA THR D 400 21.08 -24.91 -10.34
C THR D 400 22.25 -25.92 -10.37
N GLN D 401 23.34 -25.60 -11.05
CA GLN D 401 24.45 -26.55 -11.10
C GLN D 401 25.05 -26.86 -9.74
N ASP D 402 24.91 -25.95 -8.79
CA ASP D 402 25.48 -26.17 -7.47
C ASP D 402 24.41 -26.42 -6.47
N GLY D 403 23.17 -26.58 -6.93
CA GLY D 403 22.11 -26.86 -6.00
C GLY D 403 21.22 -25.69 -5.64
N LEU D 404 21.67 -24.49 -5.96
CA LEU D 404 20.88 -23.33 -5.61
C LEU D 404 19.66 -23.15 -6.50
N GLY D 405 18.49 -23.22 -5.88
CA GLY D 405 17.23 -23.08 -6.61
C GLY D 405 16.81 -24.33 -7.36
N ALA D 406 17.47 -25.45 -7.09
CA ALA D 406 17.14 -26.70 -7.77
C ALA D 406 15.65 -27.07 -7.76
N ASN D 407 14.98 -26.80 -6.65
CA ASN D 407 13.58 -27.16 -6.58
C ASN D 407 12.62 -26.00 -6.76
N PHE D 408 13.10 -24.96 -7.46
CA PHE D 408 12.29 -23.78 -7.67
C PHE D 408 10.98 -24.06 -8.37
N PHE D 409 11.05 -24.77 -9.48
CA PHE D 409 9.87 -25.11 -10.25
C PHE D 409 9.09 -26.33 -9.76
N ASN D 410 9.53 -26.95 -8.67
CA ASN D 410 8.91 -28.18 -8.18
C ASN D 410 9.01 -29.27 -9.24
N VAL D 411 9.90 -29.06 -10.20
CA VAL D 411 10.11 -30.02 -11.29
C VAL D 411 11.60 -30.31 -11.40
N LYS D 412 12.01 -31.51 -10.99
CA LYS D 412 13.42 -31.90 -11.07
C LYS D 412 13.93 -31.73 -12.48
N ALA D 413 15.10 -31.14 -12.63
CA ALA D 413 15.64 -30.93 -13.97
C ALA D 413 15.56 -32.21 -14.82
N ASP D 414 15.44 -32.06 -16.13
CA ASP D 414 15.34 -33.23 -17.00
C ASP D 414 15.33 -32.78 -18.44
N ASN D 415 15.61 -33.70 -19.36
CA ASN D 415 15.62 -33.38 -20.77
C ASN D 415 14.25 -32.89 -21.22
N LEU D 416 14.06 -31.58 -21.25
CA LEU D 416 12.78 -31.05 -21.67
C LEU D 416 12.44 -31.36 -23.15
N HIS D 417 13.35 -32.00 -23.87
CA HIS D 417 13.11 -32.30 -25.27
C HIS D 417 12.44 -33.65 -25.32
N LYS D 418 12.52 -34.39 -24.22
CA LYS D 418 11.95 -35.74 -24.14
C LYS D 418 10.82 -35.92 -23.12
N ASN D 419 11.03 -35.41 -21.92
CA ASN D 419 10.02 -35.50 -20.88
C ASN D 419 8.91 -34.47 -21.11
N ALA D 420 7.82 -34.90 -21.73
CA ALA D 420 6.70 -34.02 -21.99
C ALA D 420 6.10 -33.49 -20.68
N ASP D 421 5.99 -34.35 -19.68
CA ASP D 421 5.44 -33.94 -18.40
C ASP D 421 6.19 -32.78 -17.78
N ALA D 422 7.50 -32.86 -17.82
CA ALA D 422 8.34 -31.85 -17.24
C ALA D 422 8.26 -30.58 -18.07
N ARG D 423 8.23 -30.72 -19.39
CA ARG D 423 8.16 -29.56 -20.29
C ARG D 423 6.88 -28.77 -20.12
N LYS D 424 5.76 -29.47 -20.06
CA LYS D 424 4.48 -28.82 -19.90
C LYS D 424 4.37 -28.01 -18.61
N LYS D 425 4.80 -28.59 -17.49
CA LYS D 425 4.70 -27.88 -16.22
C LYS D 425 5.45 -26.58 -16.28
N LEU D 426 6.67 -26.63 -16.80
CA LEU D 426 7.50 -25.45 -16.88
C LEU D 426 6.88 -24.44 -17.80
N GLU D 427 6.38 -24.89 -18.95
CA GLU D 427 5.74 -23.97 -19.87
C GLU D 427 4.60 -23.21 -19.16
N ASP D 428 3.77 -23.95 -18.43
CA ASP D 428 2.66 -23.35 -17.71
C ASP D 428 3.19 -22.35 -16.72
N SER D 429 4.21 -22.75 -15.97
CA SER D 429 4.82 -21.87 -14.97
C SER D 429 5.31 -20.59 -15.63
N ALA D 430 5.81 -20.72 -16.85
CA ALA D 430 6.29 -19.57 -17.59
C ALA D 430 5.17 -18.57 -17.90
N GLU D 431 3.98 -19.06 -18.22
CA GLU D 431 2.88 -18.14 -18.50
C GLU D 431 2.48 -17.37 -17.24
N LEU D 432 2.51 -18.04 -16.10
CA LEU D 432 2.15 -17.42 -14.83
C LEU D 432 3.13 -16.32 -14.45
N LEU D 433 4.41 -16.65 -14.49
CA LEU D 433 5.48 -15.72 -14.11
C LEU D 433 5.50 -14.43 -14.92
N THR D 434 5.18 -14.53 -16.20
CA THR D 434 5.19 -13.35 -17.02
C THR D 434 3.82 -12.65 -17.10
N LYS D 435 2.82 -13.22 -16.40
CA LYS D 435 1.45 -12.70 -16.39
C LYS D 435 1.38 -11.50 -15.49
N PHE D 436 0.65 -10.47 -15.91
CA PHE D 436 0.53 -9.26 -15.13
C PHE D 436 0.06 -9.56 -13.72
N ASN D 437 0.55 -8.76 -12.77
CA ASN D 437 0.20 -8.94 -11.36
C ASN D 437 0.74 -10.24 -10.70
N SER D 438 1.72 -10.86 -11.34
CA SER D 438 2.34 -12.04 -10.79
C SER D 438 3.67 -11.59 -10.22
N TYR D 439 3.89 -11.81 -8.94
CA TYR D 439 5.17 -11.37 -8.38
C TYR D 439 5.92 -12.54 -7.76
N VAL D 440 7.24 -12.40 -7.60
CA VAL D 440 8.08 -13.42 -6.98
C VAL D 440 8.77 -12.89 -5.74
N ASP D 441 8.66 -13.65 -4.65
CA ASP D 441 9.31 -13.32 -3.38
C ASP D 441 10.41 -14.35 -3.26
N ALA D 442 11.64 -13.95 -3.52
CA ALA D 442 12.72 -14.92 -3.46
C ALA D 442 13.97 -14.48 -2.72
N VAL D 443 14.77 -15.45 -2.30
CA VAL D 443 16.02 -15.16 -1.64
C VAL D 443 17.16 -15.39 -2.64
N VAL D 444 18.04 -14.40 -2.81
CA VAL D 444 19.12 -14.56 -3.77
C VAL D 444 20.44 -14.45 -3.12
N GLU D 445 21.45 -15.02 -3.76
CA GLU D 445 22.82 -14.98 -3.28
C GLU D 445 23.67 -14.33 -4.37
N ARG D 446 24.41 -13.29 -4.00
CA ARG D 446 25.27 -12.59 -4.94
C ARG D 446 26.51 -13.41 -5.27
N ARG D 447 26.89 -13.46 -6.54
CA ARG D 447 28.06 -14.21 -6.92
C ARG D 447 28.64 -13.63 -8.20
N ASN D 448 29.91 -13.23 -8.15
CA ASN D 448 30.59 -12.62 -9.28
C ASN D 448 29.73 -11.63 -10.04
N GLY D 449 29.14 -10.67 -9.30
CA GLY D 449 28.31 -9.64 -9.88
C GLY D 449 26.91 -10.04 -10.30
N PHE D 450 26.51 -11.26 -9.97
CA PHE D 450 25.19 -11.71 -10.35
C PHE D 450 24.45 -12.26 -9.16
N TYR D 451 23.12 -12.27 -9.26
CA TYR D 451 22.25 -12.79 -8.21
C TYR D 451 21.57 -14.12 -8.60
N LEU D 452 21.77 -15.13 -7.77
CA LEU D 452 21.19 -16.45 -8.04
C LEU D 452 20.05 -16.71 -7.09
N ILE D 453 18.97 -17.31 -7.58
CA ILE D 453 17.84 -17.60 -6.73
C ILE D 453 18.12 -18.86 -5.91
N LYS D 454 17.76 -18.85 -4.63
CA LYS D 454 17.94 -20.03 -3.76
C LYS D 454 16.90 -20.06 -2.65
N ASP D 455 16.67 -21.23 -2.09
CA ASP D 455 15.67 -21.38 -1.04
C ASP D 455 14.37 -20.67 -1.38
N THR D 456 13.89 -20.86 -2.61
CA THR D 456 12.65 -20.25 -3.06
C THR D 456 11.91 -21.25 -3.96
N LYS D 457 10.65 -21.54 -3.65
CA LYS D 457 9.88 -22.48 -4.47
C LYS D 457 8.56 -21.89 -4.90
N LEU D 458 8.06 -22.38 -6.02
CA LEU D 458 6.76 -21.95 -6.52
C LEU D 458 5.71 -22.62 -5.64
N ILE D 459 4.54 -21.99 -5.54
CA ILE D 459 3.45 -22.55 -4.77
C ILE D 459 2.15 -22.50 -5.59
N GLN E 1 -21.34 -4.59 -12.16
CA GLN E 1 -21.75 -3.26 -12.73
C GLN E 1 -21.12 -2.09 -11.97
N GLN E 2 -20.29 -1.32 -12.67
CA GLN E 2 -19.60 -0.17 -12.10
C GLN E 2 -20.55 0.97 -11.81
N GLN E 3 -20.57 1.42 -10.57
CA GLN E 3 -21.45 2.50 -10.17
C GLN E 3 -20.81 3.87 -10.36
N SER E 4 -19.50 3.89 -10.54
CA SER E 4 -18.79 5.13 -10.76
C SER E 4 -18.62 5.41 -12.25
N ALA E 5 -19.39 6.35 -12.77
CA ALA E 5 -19.34 6.71 -14.18
C ALA E 5 -17.92 7.05 -14.58
N PHE E 6 -17.24 7.82 -13.74
CA PHE E 6 -15.86 8.22 -13.98
C PHE E 6 -14.92 7.05 -14.00
N LYS E 7 -15.04 6.15 -13.02
CA LYS E 7 -14.19 4.96 -12.97
C LYS E 7 -14.35 4.06 -14.22
N GLN E 8 -15.58 3.86 -14.65
CA GLN E 8 -15.83 3.04 -15.82
C GLN E 8 -15.25 3.71 -17.05
N LEU E 9 -15.59 4.97 -17.29
CA LEU E 9 -15.07 5.66 -18.47
C LEU E 9 -13.57 5.59 -18.54
N TYR E 10 -12.91 6.16 -17.55
CA TYR E 10 -11.46 6.18 -17.49
C TYR E 10 -10.85 4.78 -17.58
N THR E 11 -11.47 3.78 -16.98
CA THR E 11 -10.93 2.45 -17.05
C THR E 11 -10.95 1.91 -18.49
N GLU E 12 -12.11 2.01 -19.14
CA GLU E 12 -12.24 1.50 -20.50
C GLU E 12 -11.27 2.20 -21.41
N LEU E 13 -11.07 3.50 -21.17
CA LEU E 13 -10.13 4.27 -21.98
C LEU E 13 -8.76 3.61 -21.92
N PHE E 14 -8.28 3.34 -20.71
CA PHE E 14 -6.99 2.70 -20.53
C PHE E 14 -6.97 1.30 -21.10
N ASN E 15 -8.03 0.54 -20.87
CA ASN E 15 -8.13 -0.82 -21.37
C ASN E 15 -8.29 -0.87 -22.88
N ASN E 16 -8.35 0.30 -23.51
CA ASN E 16 -8.48 0.39 -24.97
C ASN E 16 -7.40 1.31 -25.53
N GLU E 17 -6.17 1.08 -25.09
CA GLU E 17 -5.00 1.86 -25.53
C GLU E 17 -5.28 3.35 -25.70
N GLY E 18 -5.99 3.95 -24.75
CA GLY E 18 -6.28 5.36 -24.83
C GLY E 18 -7.06 5.81 -26.05
N ASP E 19 -7.74 4.88 -26.71
CA ASP E 19 -8.51 5.22 -27.90
C ASP E 19 -9.94 5.55 -27.49
N PHE E 20 -10.28 6.84 -27.49
CA PHE E 20 -11.62 7.25 -27.09
C PHE E 20 -12.73 6.86 -28.08
N SER E 21 -12.34 6.38 -29.26
CA SER E 21 -13.35 5.99 -30.24
C SER E 21 -13.78 4.56 -30.01
N LYS E 22 -12.93 3.81 -29.32
CA LYS E 22 -13.23 2.42 -29.03
C LYS E 22 -14.02 2.22 -27.74
N VAL E 23 -14.12 3.27 -26.94
CA VAL E 23 -14.86 3.17 -25.69
C VAL E 23 -16.35 3.07 -26.01
N SER E 24 -17.07 2.31 -25.20
CA SER E 24 -18.50 2.12 -25.38
C SER E 24 -19.26 3.41 -25.69
N SER E 25 -20.09 3.36 -26.73
CA SER E 25 -20.88 4.53 -27.14
C SER E 25 -21.89 4.87 -26.07
N ASN E 26 -22.48 3.84 -25.45
CA ASN E 26 -23.49 4.05 -24.42
C ASN E 26 -22.92 4.70 -23.16
N LEU E 27 -21.73 5.27 -23.29
CA LEU E 27 -21.07 5.94 -22.17
C LEU E 27 -20.69 7.38 -22.50
N LYS E 28 -20.97 7.78 -23.73
CA LYS E 28 -20.64 9.13 -24.15
C LYS E 28 -21.79 10.09 -24.01
N LYS E 29 -22.68 9.83 -23.06
CA LYS E 29 -23.85 10.69 -22.81
C LYS E 29 -23.47 11.81 -21.84
N PRO E 30 -24.25 12.89 -21.81
CA PRO E 30 -23.96 14.02 -20.92
C PRO E 30 -23.60 13.54 -19.52
N LEU E 31 -22.75 14.31 -18.84
CA LEU E 31 -22.30 13.97 -17.50
C LEU E 31 -22.74 14.99 -16.45
N LYS E 32 -23.67 14.58 -15.59
CA LYS E 32 -24.18 15.46 -14.55
C LYS E 32 -23.32 15.17 -13.33
N CYS E 33 -22.43 16.11 -12.99
CA CYS E 33 -21.55 15.93 -11.84
C CYS E 33 -21.44 17.12 -10.89
N TYR E 34 -21.35 16.81 -9.60
CA TYR E 34 -21.25 17.77 -8.52
C TYR E 34 -19.86 18.38 -8.48
N VAL E 35 -19.79 19.69 -8.32
CA VAL E 35 -18.49 20.35 -8.26
C VAL E 35 -17.98 20.37 -6.81
N LYS E 36 -16.89 19.63 -6.58
CA LYS E 36 -16.28 19.53 -5.24
C LYS E 36 -15.48 20.77 -4.94
N GLU E 37 -14.66 21.18 -5.90
CA GLU E 37 -13.82 22.35 -5.71
C GLU E 37 -13.77 23.09 -7.04
N SER E 38 -13.42 24.37 -7.00
CA SER E 38 -13.35 25.19 -8.20
C SER E 38 -12.04 25.98 -8.27
N TYR E 39 -11.34 26.07 -7.15
CA TYR E 39 -10.09 26.79 -7.09
C TYR E 39 -9.39 26.46 -5.78
N PRO E 40 -8.03 26.30 -5.80
CA PRO E 40 -7.15 26.44 -6.96
C PRO E 40 -7.26 25.28 -7.96
N HIS E 41 -7.99 24.24 -7.57
CA HIS E 41 -8.16 23.05 -8.41
C HIS E 41 -9.65 22.81 -8.66
N PHE E 42 -10.02 22.70 -9.94
CA PHE E 42 -11.41 22.45 -10.25
C PHE E 42 -11.63 20.94 -10.26
N LEU E 43 -12.35 20.42 -9.26
CA LEU E 43 -12.57 18.99 -9.18
C LEU E 43 -14.05 18.63 -9.08
N VAL E 44 -14.50 17.73 -9.94
CA VAL E 44 -15.89 17.29 -9.94
C VAL E 44 -15.99 15.82 -9.54
N THR E 45 -17.13 15.43 -8.98
CA THR E 45 -17.31 14.03 -8.57
C THR E 45 -18.50 13.40 -9.26
N ASP E 46 -18.49 12.07 -9.31
CA ASP E 46 -19.56 11.35 -9.96
C ASP E 46 -20.25 10.56 -8.87
N GLY E 47 -20.10 11.05 -7.65
CA GLY E 47 -20.74 10.42 -6.52
C GLY E 47 -19.84 9.47 -5.80
N TYR E 48 -18.72 9.15 -6.44
CA TYR E 48 -17.77 8.24 -5.84
C TYR E 48 -16.34 8.76 -5.92
N PHE E 49 -15.93 9.27 -7.08
CA PHE E 49 -14.57 9.77 -7.23
C PHE E 49 -14.59 11.17 -7.78
N PHE E 50 -13.44 11.83 -7.73
CA PHE E 50 -13.32 13.19 -8.25
C PHE E 50 -12.24 13.24 -9.29
N VAL E 51 -12.48 13.97 -10.37
CA VAL E 51 -11.52 14.10 -11.45
C VAL E 51 -11.38 15.56 -11.81
N ALA E 52 -10.27 15.92 -12.44
CA ALA E 52 -10.02 17.31 -12.84
C ALA E 52 -10.38 17.54 -14.30
N PRO E 53 -11.48 18.24 -14.57
CA PRO E 53 -11.89 18.51 -15.94
C PRO E 53 -11.03 19.60 -16.56
N TYR E 54 -10.74 19.43 -17.85
CA TYR E 54 -9.95 20.39 -18.59
C TYR E 54 -10.82 21.12 -19.62
N PHE E 55 -11.06 22.40 -19.37
CA PHE E 55 -11.88 23.23 -20.24
C PHE E 55 -11.13 23.88 -21.40
N THR E 56 -11.67 23.71 -22.60
CA THR E 56 -11.08 24.31 -23.79
C THR E 56 -11.46 25.78 -23.78
N LYS E 57 -10.62 26.61 -24.39
CA LYS E 57 -10.90 28.05 -24.43
C LYS E 57 -12.31 28.30 -24.97
N GLU E 58 -12.76 27.43 -25.89
CA GLU E 58 -14.09 27.56 -26.48
C GLU E 58 -15.14 27.37 -25.40
N ALA E 59 -14.97 26.30 -24.63
CA ALA E 59 -15.88 25.95 -23.55
C ALA E 59 -16.12 27.12 -22.58
N VAL E 60 -15.05 27.76 -22.12
CA VAL E 60 -15.21 28.89 -21.20
C VAL E 60 -15.91 30.11 -21.83
N ASN E 61 -15.52 30.42 -23.06
CA ASN E 61 -16.13 31.55 -23.73
C ASN E 61 -17.62 31.31 -23.88
N GLU E 62 -17.98 30.12 -24.33
CA GLU E 62 -19.37 29.75 -24.53
C GLU E 62 -20.12 29.93 -23.22
N PHE E 63 -19.58 29.32 -22.17
CA PHE E 63 -20.15 29.41 -20.84
C PHE E 63 -20.39 30.87 -20.46
N HIS E 64 -19.31 31.64 -20.43
CA HIS E 64 -19.35 33.06 -20.10
C HIS E 64 -20.39 33.83 -20.91
N ALA E 65 -20.70 33.31 -22.09
CA ALA E 65 -21.69 33.93 -22.97
C ALA E 65 -23.10 33.60 -22.52
N LYS E 66 -23.40 32.31 -22.39
CA LYS E 66 -24.73 31.87 -21.98
C LYS E 66 -25.01 32.11 -20.51
N PHE E 67 -23.97 32.37 -19.73
CA PHE E 67 -24.13 32.62 -18.30
C PHE E 67 -23.22 33.74 -17.80
N PRO E 68 -23.57 34.99 -18.11
CA PRO E 68 -22.78 36.16 -17.68
C PRO E 68 -22.79 36.35 -16.19
N ASN E 69 -23.90 35.97 -15.56
CA ASN E 69 -24.03 36.13 -14.13
C ASN E 69 -23.42 34.95 -13.37
N VAL E 70 -22.55 34.19 -14.02
CA VAL E 70 -21.96 33.04 -13.36
C VAL E 70 -20.44 32.95 -13.55
N ASN E 71 -19.72 32.89 -12.42
CA ASN E 71 -18.25 32.74 -12.45
C ASN E 71 -17.91 31.27 -12.23
N ILE E 72 -17.06 30.73 -13.09
CA ILE E 72 -16.67 29.33 -13.00
C ILE E 72 -15.85 29.04 -11.76
N VAL E 73 -14.97 29.96 -11.40
CA VAL E 73 -14.13 29.81 -10.23
C VAL E 73 -14.93 29.86 -8.92
N ASP E 74 -16.24 30.09 -9.03
CA ASP E 74 -17.09 30.18 -7.84
C ASP E 74 -18.21 29.13 -7.93
N LEU E 75 -17.94 28.03 -8.63
CA LEU E 75 -18.94 26.97 -8.80
C LEU E 75 -18.89 25.88 -7.71
N THR E 76 -18.03 26.06 -6.71
CA THR E 76 -17.90 25.10 -5.63
C THR E 76 -19.27 24.78 -5.03
N ASP E 77 -19.43 23.52 -4.65
CA ASP E 77 -20.68 23.06 -4.04
C ASP E 77 -21.85 23.17 -4.99
N LYS E 78 -21.60 23.69 -6.19
CA LYS E 78 -22.64 23.83 -7.21
C LYS E 78 -22.53 22.64 -8.18
N VAL E 79 -23.58 22.35 -8.92
CA VAL E 79 -23.55 21.24 -9.88
C VAL E 79 -23.48 21.74 -11.33
N ILE E 80 -22.79 20.99 -12.19
CA ILE E 80 -22.66 21.36 -13.61
C ILE E 80 -22.96 20.17 -14.48
N VAL E 81 -23.31 20.44 -15.72
CA VAL E 81 -23.64 19.39 -16.67
C VAL E 81 -22.78 19.52 -17.92
N ILE E 82 -21.88 18.57 -18.11
CA ILE E 82 -20.99 18.55 -19.26
C ILE E 82 -21.69 17.83 -20.41
N ASN E 83 -22.15 18.60 -21.40
CA ASN E 83 -22.86 18.04 -22.55
C ASN E 83 -21.94 17.55 -23.64
N ASN E 84 -20.87 18.29 -23.89
CA ASN E 84 -19.92 17.90 -24.91
C ASN E 84 -18.52 17.74 -24.34
N TRP E 85 -18.09 16.48 -24.21
CA TRP E 85 -16.77 16.16 -23.66
C TRP E 85 -16.09 15.01 -24.37
N SER E 86 -14.79 14.86 -24.13
CA SER E 86 -13.97 13.81 -24.72
C SER E 86 -12.87 13.36 -23.73
N LEU E 87 -12.29 12.20 -23.99
CA LEU E 87 -11.22 11.67 -23.14
C LEU E 87 -9.93 11.38 -23.91
N GLU E 88 -8.79 11.72 -23.34
CA GLU E 88 -7.52 11.45 -24.01
C GLU E 88 -6.40 11.23 -22.98
N LEU E 89 -5.40 10.44 -23.37
CA LEU E 89 -4.28 10.12 -22.50
C LEU E 89 -3.13 11.08 -22.68
N ARG E 90 -2.45 11.41 -21.60
CA ARG E 90 -1.34 12.36 -21.63
C ARG E 90 -0.23 11.93 -20.66
N ARG E 91 1.00 12.10 -21.10
CA ARG E 91 2.14 11.75 -20.27
C ARG E 91 2.41 12.93 -19.35
N VAL E 92 2.37 12.71 -18.04
CA VAL E 92 2.62 13.82 -17.12
C VAL E 92 3.58 13.42 -16.04
N ASN E 93 3.93 14.38 -15.20
CA ASN E 93 4.84 14.11 -14.10
C ASN E 93 3.98 13.93 -12.86
N SER E 94 3.66 12.68 -12.56
CA SER E 94 2.79 12.38 -11.42
C SER E 94 3.30 12.94 -10.09
N ALA E 95 4.58 13.22 -10.03
CA ALA E 95 5.15 13.76 -8.82
C ALA E 95 4.65 15.18 -8.59
N GLU E 96 4.10 15.78 -9.63
CA GLU E 96 3.57 17.14 -9.55
C GLU E 96 2.06 17.19 -9.77
N VAL E 97 1.58 16.36 -10.68
CA VAL E 97 0.15 16.26 -11.00
C VAL E 97 -0.52 15.17 -10.17
N PHE E 98 -1.25 15.57 -9.12
CA PHE E 98 -1.88 14.59 -8.26
C PHE E 98 -3.04 13.86 -8.92
N THR E 99 -3.51 14.39 -10.04
CA THR E 99 -4.62 13.76 -10.72
C THR E 99 -4.05 12.90 -11.80
N SER E 100 -3.08 12.08 -11.43
CA SER E 100 -2.44 11.17 -12.37
C SER E 100 -1.73 10.05 -11.63
N TYR E 101 -1.17 9.09 -12.36
CA TYR E 101 -0.48 7.99 -11.71
C TYR E 101 0.53 7.36 -12.64
N ALA E 102 1.72 7.06 -12.13
CA ALA E 102 2.77 6.45 -12.94
C ALA E 102 3.06 7.25 -14.22
N ASN E 103 3.10 8.58 -14.07
CA ASN E 103 3.36 9.46 -15.20
C ASN E 103 2.37 9.29 -16.36
N LEU E 104 1.12 9.02 -16.01
CA LEU E 104 0.09 8.85 -17.01
C LEU E 104 -1.18 9.49 -16.49
N GLU E 105 -1.91 10.13 -17.39
CA GLU E 105 -3.15 10.77 -17.02
C GLU E 105 -4.22 10.66 -18.08
N ALA E 106 -5.44 10.40 -17.64
CA ALA E 106 -6.57 10.33 -18.54
C ALA E 106 -7.31 11.66 -18.31
N ARG E 107 -7.34 12.53 -19.33
CA ARG E 107 -8.00 13.84 -19.18
C ARG E 107 -9.42 13.93 -19.70
N LEU E 108 -10.26 14.66 -18.97
CA LEU E 108 -11.63 14.87 -19.35
C LEU E 108 -11.67 16.22 -20.03
N ILE E 109 -11.75 16.21 -21.35
CA ILE E 109 -11.79 17.43 -22.13
C ILE E 109 -13.23 17.97 -22.20
N VAL E 110 -13.44 19.13 -21.59
CA VAL E 110 -14.77 19.74 -21.60
C VAL E 110 -14.92 20.78 -22.70
N HIS E 111 -15.97 20.61 -23.50
CA HIS E 111 -16.26 21.52 -24.60
C HIS E 111 -17.47 22.41 -24.28
N SER E 112 -18.47 21.83 -23.64
CA SER E 112 -19.69 22.56 -23.28
C SER E 112 -20.29 22.05 -21.98
N PHE E 113 -20.43 22.96 -21.02
CA PHE E 113 -21.02 22.61 -19.73
C PHE E 113 -21.95 23.70 -19.18
N LYS E 114 -23.15 23.28 -18.81
CA LYS E 114 -24.18 24.16 -18.25
C LYS E 114 -24.23 24.07 -16.72
N PRO E 115 -24.22 25.23 -16.04
CA PRO E 115 -24.26 25.25 -14.58
C PRO E 115 -25.68 25.25 -14.02
N ASN E 116 -26.17 24.08 -13.61
CA ASN E 116 -27.52 23.99 -13.03
C ASN E 116 -27.54 24.62 -11.63
N LEU E 117 -27.41 25.95 -11.61
CA LEU E 117 -27.39 26.76 -10.40
C LEU E 117 -28.49 26.44 -9.40
N GLN E 118 -28.07 26.16 -8.18
CA GLN E 118 -28.99 25.85 -7.09
C GLN E 118 -29.76 24.50 -7.20
N GLU E 119 -29.11 23.46 -7.71
CA GLU E 119 -29.73 22.14 -7.79
C GLU E 119 -29.09 21.28 -6.70
N ARG E 120 -29.83 21.00 -5.64
CA ARG E 120 -29.28 20.21 -4.57
C ARG E 120 -29.14 18.77 -5.02
N LEU E 121 -27.94 18.22 -4.83
CA LEU E 121 -27.64 16.85 -5.20
C LEU E 121 -27.75 15.87 -4.03
N ASN E 122 -28.04 14.61 -4.35
CA ASN E 122 -28.22 13.56 -3.34
C ASN E 122 -26.94 13.34 -2.54
N PRO E 123 -27.07 13.02 -1.24
CA PRO E 123 -25.94 12.77 -0.34
C PRO E 123 -25.16 11.53 -0.78
N THR E 124 -23.84 11.68 -0.95
CA THR E 124 -22.99 10.57 -1.39
C THR E 124 -21.81 10.37 -0.46
N ARG E 125 -20.98 9.37 -0.77
CA ARG E 125 -19.80 9.07 0.03
C ARG E 125 -18.78 10.19 -0.19
N TYR E 126 -17.68 10.16 0.56
CA TYR E 126 -16.65 11.18 0.43
C TYR E 126 -15.87 10.87 -0.85
N PRO E 127 -15.86 11.80 -1.82
CA PRO E 127 -15.16 11.62 -3.10
C PRO E 127 -13.66 11.45 -2.95
N VAL E 128 -13.11 10.43 -3.61
CA VAL E 128 -11.68 10.17 -3.54
C VAL E 128 -11.01 10.31 -4.90
N ASN E 129 -9.70 10.58 -4.90
CA ASN E 129 -8.95 10.78 -6.13
C ASN E 129 -8.94 9.50 -6.94
N LEU E 130 -9.64 9.48 -8.07
CA LEU E 130 -9.69 8.25 -8.84
C LEU E 130 -8.34 7.62 -9.04
N PHE E 131 -7.32 8.46 -9.20
CA PHE E 131 -5.96 7.99 -9.42
C PHE E 131 -5.25 7.55 -8.15
N ARG E 132 -6.02 7.23 -7.12
CA ARG E 132 -5.46 6.77 -5.86
C ARG E 132 -6.23 5.51 -5.46
N ASP E 133 -7.18 5.13 -6.30
CA ASP E 133 -8.01 3.95 -6.05
C ASP E 133 -7.23 2.70 -6.39
N ASP E 134 -7.31 1.69 -5.54
CA ASP E 134 -6.59 0.43 -5.76
C ASP E 134 -6.79 -0.15 -7.16
N GLU E 135 -7.97 -0.66 -7.45
CA GLU E 135 -8.26 -1.19 -8.77
C GLU E 135 -7.76 -0.31 -9.92
N PHE E 136 -8.14 0.97 -9.95
CA PHE E 136 -7.71 1.83 -11.06
C PHE E 136 -6.20 1.85 -11.17
N LYS E 137 -5.53 2.05 -10.04
CA LYS E 137 -4.08 2.05 -10.08
C LYS E 137 -3.62 0.76 -10.73
N THR E 138 -4.24 -0.36 -10.34
CA THR E 138 -3.89 -1.68 -10.86
C THR E 138 -4.17 -1.73 -12.35
N THR E 139 -5.25 -1.10 -12.79
CA THR E 139 -5.56 -1.07 -14.21
C THR E 139 -4.46 -0.32 -14.95
N ILE E 140 -4.03 0.80 -14.38
CA ILE E 140 -2.98 1.56 -15.03
C ILE E 140 -1.70 0.74 -15.05
N GLN E 141 -1.45 0.01 -13.98
CA GLN E 141 -0.25 -0.79 -13.95
C GLN E 141 -0.29 -1.86 -15.03
N HIS E 142 -1.50 -2.38 -15.31
CA HIS E 142 -1.66 -3.42 -16.31
C HIS E 142 -1.29 -2.81 -17.64
N PHE E 143 -1.74 -1.57 -17.83
CA PHE E 143 -1.46 -0.86 -19.06
C PHE E 143 0.06 -0.78 -19.35
N ARG E 144 0.82 -0.34 -18.33
CA ARG E 144 2.27 -0.21 -18.44
C ARG E 144 2.94 -1.58 -18.57
N HIS E 145 2.44 -2.56 -17.82
CA HIS E 145 3.01 -3.88 -17.88
C HIS E 145 2.92 -4.42 -19.29
N THR E 146 1.78 -4.23 -19.93
CA THR E 146 1.60 -4.72 -21.29
C THR E 146 2.55 -4.02 -22.23
N ALA E 147 2.61 -2.70 -22.13
CA ALA E 147 3.51 -1.89 -22.95
C ALA E 147 4.98 -2.24 -22.72
N LEU E 148 5.36 -2.41 -21.46
CA LEU E 148 6.74 -2.77 -21.09
C LEU E 148 7.13 -4.14 -21.62
N GLN E 149 6.26 -5.12 -21.42
CA GLN E 149 6.51 -6.48 -21.86
C GLN E 149 6.68 -6.52 -23.36
N ALA E 150 5.78 -5.86 -24.09
CA ALA E 150 5.88 -5.85 -25.55
C ALA E 150 7.19 -5.22 -25.98
N ALA E 151 7.56 -4.15 -25.30
CA ALA E 151 8.80 -3.45 -25.61
C ALA E 151 10.00 -4.35 -25.39
N ILE E 152 10.12 -4.95 -24.21
CA ILE E 152 11.24 -5.85 -23.91
C ILE E 152 11.33 -7.07 -24.84
N ASN E 153 10.19 -7.65 -25.20
CA ASN E 153 10.23 -8.81 -26.06
C ASN E 153 10.66 -8.43 -27.45
N LYS E 154 10.65 -7.15 -27.77
CA LYS E 154 11.04 -6.70 -29.08
C LYS E 154 12.48 -6.16 -29.03
N THR E 155 12.90 -5.74 -27.84
CA THR E 155 14.24 -5.20 -27.63
C THR E 155 15.26 -6.26 -27.23
N VAL E 156 14.87 -7.15 -26.31
CA VAL E 156 15.76 -8.22 -25.84
C VAL E 156 15.63 -9.48 -26.69
N LYS E 157 16.74 -9.84 -27.35
CA LYS E 157 16.77 -10.98 -28.24
C LYS E 157 18.13 -11.66 -28.20
N GLY E 158 18.20 -12.85 -28.79
CA GLY E 158 19.46 -13.60 -28.82
C GLY E 158 19.83 -14.41 -27.58
N ASP E 159 18.89 -14.55 -26.65
CA ASP E 159 19.12 -15.33 -25.44
C ASP E 159 20.51 -15.14 -24.86
N ASN E 160 20.95 -13.90 -24.76
CA ASN E 160 22.25 -13.60 -24.19
C ASN E 160 22.26 -13.97 -22.71
N LEU E 161 22.44 -15.26 -22.43
CA LEU E 161 22.47 -15.77 -21.05
C LEU E 161 23.84 -15.66 -20.43
N VAL E 162 23.87 -15.28 -19.17
CA VAL E 162 25.13 -15.15 -18.46
C VAL E 162 25.82 -16.50 -18.55
N ASP E 163 27.06 -16.52 -19.05
CA ASP E 163 27.79 -17.78 -19.17
C ASP E 163 27.92 -18.48 -17.81
N ILE E 164 27.39 -19.70 -17.72
CA ILE E 164 27.40 -20.47 -16.48
C ILE E 164 28.74 -20.52 -15.75
N SER E 165 29.84 -20.40 -16.49
CA SER E 165 31.16 -20.45 -15.89
C SER E 165 31.41 -19.27 -14.95
N LYS E 166 30.73 -18.14 -15.23
CA LYS E 166 30.85 -16.95 -14.39
C LYS E 166 30.31 -17.16 -12.98
N VAL E 167 29.16 -17.83 -12.87
CA VAL E 167 28.53 -18.09 -11.57
C VAL E 167 29.02 -19.38 -10.93
N ALA E 168 29.63 -20.26 -11.73
CA ALA E 168 30.18 -21.51 -11.21
C ALA E 168 31.69 -21.35 -11.07
N ASP E 169 32.21 -21.72 -9.91
CA ASP E 169 33.63 -21.55 -9.67
C ASP E 169 33.95 -20.05 -9.61
N ALA E 170 33.16 -19.30 -8.83
CA ALA E 170 33.37 -17.86 -8.67
C ALA E 170 34.19 -17.55 -7.39
N ALA E 171 35.08 -18.47 -7.05
CA ALA E 171 35.92 -18.30 -5.87
C ALA E 171 36.81 -17.07 -6.04
N GLY E 172 37.55 -17.05 -7.14
CA GLY E 172 38.42 -15.93 -7.42
C GLY E 172 37.82 -15.03 -8.48
N LYS E 173 36.51 -14.85 -8.42
CA LYS E 173 35.82 -14.00 -9.37
C LYS E 173 34.97 -12.93 -8.69
N LYS E 174 35.20 -11.68 -9.02
CA LYS E 174 34.43 -10.57 -8.45
C LYS E 174 33.80 -9.80 -9.61
N GLY E 175 32.58 -9.30 -9.40
CA GLY E 175 31.92 -8.56 -10.46
C GLY E 175 31.05 -7.46 -9.92
N LYS E 176 30.56 -6.60 -10.82
CA LYS E 176 29.72 -5.48 -10.47
C LYS E 176 28.28 -5.82 -10.84
N VAL E 177 27.38 -5.72 -9.88
CA VAL E 177 25.96 -6.04 -10.09
C VAL E 177 25.33 -5.33 -11.28
N ASP E 178 25.74 -4.11 -11.56
CA ASP E 178 25.15 -3.38 -12.68
C ASP E 178 25.37 -4.15 -13.98
N ALA E 179 26.06 -5.28 -13.90
CA ALA E 179 26.28 -6.10 -15.08
C ALA E 179 25.03 -6.94 -15.33
N GLY E 180 23.99 -6.70 -14.52
CA GLY E 180 22.75 -7.43 -14.67
C GLY E 180 21.66 -6.50 -15.16
N ILE E 181 22.02 -5.26 -15.45
CA ILE E 181 20.99 -4.34 -15.90
C ILE E 181 20.81 -4.46 -17.41
N VAL E 182 19.58 -4.37 -17.89
CA VAL E 182 19.30 -4.45 -19.33
C VAL E 182 18.30 -3.39 -19.76
N LYS E 183 18.52 -2.80 -20.92
CA LYS E 183 17.61 -1.76 -21.42
C LYS E 183 16.31 -2.38 -21.90
N ALA E 184 15.19 -1.92 -21.34
CA ALA E 184 13.88 -2.44 -21.68
C ALA E 184 13.43 -2.06 -23.07
N SER E 185 14.02 -0.99 -23.60
CA SER E 185 13.64 -0.55 -24.93
C SER E 185 14.66 0.37 -25.51
N ALA E 186 14.30 0.97 -26.64
CA ALA E 186 15.17 1.91 -27.33
C ALA E 186 14.90 3.34 -26.85
N SER E 187 14.16 3.47 -25.75
CA SER E 187 13.83 4.78 -25.21
C SER E 187 15.04 5.71 -25.18
N LYS E 188 14.77 6.98 -25.44
CA LYS E 188 15.81 7.99 -25.48
C LYS E 188 16.41 8.27 -24.12
N GLY E 189 15.56 8.57 -23.15
CA GLY E 189 16.05 8.87 -21.81
C GLY E 189 16.25 7.69 -20.90
N ASP E 190 16.08 7.93 -19.60
CA ASP E 190 16.22 6.89 -18.61
C ASP E 190 14.85 6.39 -18.14
N GLU E 191 13.78 7.03 -18.60
CA GLU E 191 12.43 6.64 -18.22
C GLU E 191 11.76 5.90 -19.38
N PHE E 192 11.18 4.74 -19.10
CA PHE E 192 10.50 3.95 -20.12
C PHE E 192 9.42 4.81 -20.77
N SER E 193 9.32 4.75 -22.09
CA SER E 193 8.34 5.56 -22.78
C SER E 193 7.87 4.92 -24.07
N ASP E 194 8.29 3.68 -24.31
CA ASP E 194 7.86 3.01 -25.54
C ASP E 194 6.38 2.59 -25.51
N PHE E 195 5.47 3.55 -25.63
CA PHE E 195 4.03 3.24 -25.65
C PHE E 195 3.51 3.35 -27.07
N SER E 196 2.39 2.67 -27.36
CA SER E 196 1.84 2.68 -28.70
C SER E 196 0.74 3.69 -28.88
N PHE E 197 -0.01 3.96 -27.81
CA PHE E 197 -1.11 4.91 -27.88
C PHE E 197 -0.58 6.25 -28.33
N LYS E 198 -1.33 6.98 -29.16
CA LYS E 198 -0.82 8.27 -29.61
C LYS E 198 -1.30 9.34 -28.63
N GLU E 199 -0.34 9.88 -27.88
CA GLU E 199 -0.63 10.89 -26.87
C GLU E 199 -1.54 11.99 -27.40
N GLY E 200 -2.74 12.07 -26.83
CA GLY E 200 -3.70 13.09 -27.23
C GLY E 200 -3.15 14.50 -27.08
N ASN E 201 -3.54 15.39 -27.98
CA ASN E 201 -3.09 16.77 -27.95
C ASN E 201 -4.30 17.69 -28.11
N THR E 202 -4.44 18.65 -27.20
CA THR E 202 -5.53 19.61 -27.24
C THR E 202 -5.27 20.79 -26.32
N ALA E 203 -5.32 21.99 -26.88
CA ALA E 203 -5.07 23.20 -26.11
C ALA E 203 -6.10 23.32 -25.01
N THR E 204 -5.62 23.46 -23.78
CA THR E 204 -6.50 23.59 -22.65
C THR E 204 -6.11 24.84 -21.87
N LEU E 205 -7.00 25.32 -21.03
CA LEU E 205 -6.74 26.52 -20.25
C LEU E 205 -6.33 26.22 -18.81
N LYS E 206 -5.36 26.99 -18.30
CA LYS E 206 -4.92 26.81 -16.94
C LYS E 206 -5.99 27.42 -16.05
N ILE E 207 -6.25 26.78 -14.92
CA ILE E 207 -7.28 27.27 -14.00
C ILE E 207 -6.94 28.67 -13.47
N ALA E 208 -5.68 29.08 -13.61
CA ALA E 208 -5.27 30.39 -13.13
C ALA E 208 -5.69 31.49 -14.12
N ASP E 209 -5.60 31.20 -15.41
CA ASP E 209 -5.97 32.18 -16.42
C ASP E 209 -7.45 32.52 -16.34
N ILE E 210 -8.28 31.51 -16.06
CA ILE E 210 -9.72 31.72 -15.97
C ILE E 210 -10.05 32.50 -14.70
N PHE E 211 -9.11 32.51 -13.77
CA PHE E 211 -9.29 33.25 -12.52
C PHE E 211 -9.05 34.74 -12.79
N VAL E 212 -8.02 35.02 -13.59
CA VAL E 212 -7.67 36.39 -13.95
C VAL E 212 -8.71 36.94 -14.90
N GLN E 213 -9.20 36.09 -15.80
CA GLN E 213 -10.21 36.50 -16.78
C GLN E 213 -11.51 36.94 -16.10
N GLU E 214 -11.69 36.54 -14.84
CA GLU E 214 -12.90 36.87 -14.10
C GLU E 214 -12.64 37.77 -12.90
N LYS E 215 -11.37 38.06 -12.64
CA LYS E 215 -10.98 38.92 -11.53
C LYS E 215 -9.45 39.17 -11.50
N GLY E 216 -8.99 39.96 -12.48
CA GLY E 216 -7.58 40.30 -12.61
C GLY E 216 -6.77 40.38 -11.33
#